data_2Q7M
#
_entry.id   2Q7M
#
_cell.length_a   180.600
_cell.length_b   180.600
_cell.length_c   140.570
_cell.angle_alpha   90.00
_cell.angle_beta   90.00
_cell.angle_gamma   90.00
#
_symmetry.space_group_name_H-M   'P 4 21 2'
#
loop_
_entity.id
_entity.type
_entity.pdbx_description
1 polymer 'Arachidonate 5-lipoxygenase-activating protein'
2 non-polymer '3-[3-(TERT-BUTYLTHIO)-1-(4-CHLOROBENZYL)-5-(QUINOLIN-2-YLMETHOXY)-1H-INDOL-2-YL]-2,2-DIMETHYLPROPANOIC ACID'
#
_entity_poly.entity_id   1
_entity_poly.type   'polypeptide(L)'
_entity_poly.pdbx_seq_one_letter_code
;MDQETVGNVVLLAIVTLISVVQNGFFAHKVEHESRTQNGRSFQRTGTLAFERVYTANQNCVDAYPTFLAVLWSAGLLCSQ
VPAAFAGLMYLFVRQKYFVGYLGERTQSTPGYIFGKRIILFLFLMSVAGIFNYYLIFFFGSDFENYIATISTTISPLLLI
P
;
_entity_poly.pdbx_strand_id   A,B,C,D,E,F
#
loop_
_chem_comp.id
_chem_comp.type
_chem_comp.name
_chem_comp.formula
2CS non-polymer '3-[3-(TERT-BUTYLTHIO)-1-(4-CHLOROBENZYL)-5-(QUINOLIN-2-YLMETHOXY)-1H-INDOL-2-YL]-2,2-DIMETHYLPROPANOIC ACID' 'C34 H35 Cl N2 O3 S'
#
# COMPACT_ATOMS: atom_id res chain seq x y z
N MET A 1 -5.48 20.91 18.04
CA MET A 1 -4.66 20.24 19.05
C MET A 1 -5.18 20.44 20.47
N ASP A 2 -5.18 19.36 21.26
CA ASP A 2 -5.68 19.36 22.65
C ASP A 2 -5.05 20.43 23.53
N GLN A 3 -5.83 21.45 23.86
CA GLN A 3 -5.36 22.56 24.65
C GLN A 3 -4.48 22.19 25.85
N GLU A 4 -4.74 21.04 26.47
CA GLU A 4 -3.91 20.63 27.59
C GLU A 4 -2.48 20.43 27.09
N THR A 5 -2.35 19.54 26.12
CA THR A 5 -1.09 19.16 25.50
C THR A 5 -0.31 20.36 24.98
N VAL A 6 -0.98 21.17 24.15
CA VAL A 6 -0.33 22.35 23.60
C VAL A 6 0.32 23.13 24.71
N GLY A 7 -0.29 23.05 25.89
CA GLY A 7 0.21 23.71 27.08
C GLY A 7 1.60 23.23 27.45
N ASN A 8 1.77 21.91 27.49
CA ASN A 8 3.04 21.28 27.86
C ASN A 8 4.09 21.16 26.72
N VAL A 9 4.11 22.14 25.81
CA VAL A 9 5.03 22.12 24.69
C VAL A 9 5.19 23.52 24.15
N VAL A 10 4.25 24.38 24.51
CA VAL A 10 4.28 25.76 24.05
C VAL A 10 5.65 26.42 24.21
N LEU A 11 6.42 25.93 25.16
CA LEU A 11 7.75 26.48 25.42
C LEU A 11 8.73 26.06 24.34
N LEU A 12 8.76 24.76 24.08
CA LEU A 12 9.64 24.19 23.08
C LEU A 12 9.23 24.72 21.71
N ALA A 13 7.93 24.98 21.54
CA ALA A 13 7.43 25.54 20.31
C ALA A 13 7.99 26.95 20.20
N ILE A 14 7.81 27.71 21.28
CA ILE A 14 8.29 29.09 21.35
C ILE A 14 9.78 29.18 21.03
N VAL A 15 10.60 28.54 21.85
CA VAL A 15 12.04 28.53 21.64
C VAL A 15 12.35 28.10 20.22
N THR A 16 11.63 27.10 19.74
CA THR A 16 11.83 26.60 18.38
C THR A 16 11.52 27.66 17.33
N LEU A 17 10.37 28.31 17.46
CA LEU A 17 9.98 29.37 16.52
C LEU A 17 10.98 30.51 16.58
N ILE A 18 11.62 30.66 17.73
CA ILE A 18 12.62 31.70 17.90
C ILE A 18 13.81 31.31 17.06
N SER A 19 14.38 30.15 17.35
CA SER A 19 15.52 29.65 16.61
C SER A 19 15.22 29.54 15.11
N VAL A 20 13.95 29.36 14.78
CA VAL A 20 13.54 29.29 13.38
C VAL A 20 13.77 30.65 12.73
N VAL A 21 13.47 31.71 13.49
CA VAL A 21 13.64 33.06 12.99
C VAL A 21 15.09 33.54 13.04
N GLN A 22 15.81 33.14 14.08
CA GLN A 22 17.23 33.48 14.18
C GLN A 22 17.90 32.80 12.97
N ASN A 23 17.40 31.61 12.64
CA ASN A 23 17.95 30.87 11.52
C ASN A 23 17.84 31.64 10.24
N GLY A 24 16.65 32.14 9.94
CA GLY A 24 16.41 32.92 8.74
C GLY A 24 17.31 34.14 8.68
N PHE A 25 17.76 34.59 9.84
CA PHE A 25 18.63 35.75 9.86
C PHE A 25 20.01 35.35 9.39
N PHE A 26 20.56 34.27 9.95
CA PHE A 26 21.87 33.77 9.56
C PHE A 26 21.88 33.60 8.05
N ALA A 27 20.74 33.16 7.53
CA ALA A 27 20.52 32.91 6.11
C ALA A 27 20.31 34.22 5.36
N HIS A 28 20.22 35.30 6.11
CA HIS A 28 20.02 36.61 5.51
C HIS A 28 21.38 37.28 5.37
N LYS A 29 22.18 37.17 6.41
CA LYS A 29 23.52 37.76 6.41
C LYS A 29 24.41 37.00 5.41
N VAL A 30 23.86 35.93 4.84
CA VAL A 30 24.57 35.14 3.83
C VAL A 30 24.17 35.64 2.45
N GLU A 31 22.99 36.28 2.37
CA GLU A 31 22.50 36.83 1.13
C GLU A 31 23.24 38.14 0.86
N HIS A 32 23.45 38.92 1.92
CA HIS A 32 24.16 40.19 1.84
C HIS A 32 25.53 40.02 1.23
N GLU A 33 26.22 38.95 1.62
CA GLU A 33 27.56 38.70 1.12
C GLU A 33 27.67 38.01 -0.23
N SER A 34 26.57 37.40 -0.67
CA SER A 34 26.55 36.78 -1.99
C SER A 34 26.08 37.82 -3.01
N ARG A 35 25.56 38.93 -2.48
CA ARG A 35 25.07 40.02 -3.32
C ARG A 35 26.13 41.09 -3.58
N THR A 36 26.83 41.51 -2.53
CA THR A 36 27.90 42.53 -2.64
C THR A 36 29.04 41.99 -3.49
N GLN A 37 29.19 40.66 -3.46
CA GLN A 37 30.19 39.94 -4.22
C GLN A 37 29.46 38.81 -4.92
N ASN A 38 29.12 39.05 -6.17
CA ASN A 38 28.37 38.12 -6.98
C ASN A 38 28.80 36.65 -6.88
N GLY A 39 27.95 35.77 -7.40
CA GLY A 39 28.18 34.34 -7.41
C GLY A 39 26.93 33.50 -7.73
N ARG A 40 27.16 32.34 -8.32
CA ARG A 40 26.09 31.38 -8.64
C ARG A 40 26.46 30.08 -7.93
N SER A 41 27.76 29.94 -7.65
CA SER A 41 28.27 28.80 -6.90
C SER A 41 29.17 29.31 -5.78
N PHE A 42 28.82 28.90 -4.57
CA PHE A 42 29.53 29.29 -3.36
C PHE A 42 30.14 28.00 -2.84
N GLN A 43 31.20 27.54 -3.50
CA GLN A 43 31.82 26.29 -3.11
C GLN A 43 33.34 26.34 -3.16
N ARG A 44 33.88 27.48 -3.58
CA ARG A 44 35.32 27.67 -3.62
C ARG A 44 35.66 28.83 -2.68
N THR A 45 36.59 28.58 -1.77
CA THR A 45 37.01 29.56 -0.78
C THR A 45 37.08 30.94 -1.41
N GLY A 46 36.07 31.77 -1.17
CA GLY A 46 35.98 33.08 -1.78
C GLY A 46 36.21 34.29 -0.88
N THR A 47 35.50 35.37 -1.21
CA THR A 47 35.56 36.65 -0.47
C THR A 47 35.68 36.37 1.01
N LEU A 48 36.56 37.07 1.71
CA LEU A 48 36.71 36.75 3.12
C LEU A 48 35.58 37.21 4.03
N ALA A 49 34.68 38.02 3.47
CA ALA A 49 33.52 38.48 4.21
C ALA A 49 32.39 37.50 3.94
N PHE A 50 32.27 37.07 2.70
CA PHE A 50 31.24 36.12 2.33
C PHE A 50 31.69 34.69 2.62
N GLU A 51 33.01 34.46 2.61
CA GLU A 51 33.50 33.13 2.90
C GLU A 51 33.51 32.97 4.41
N ARG A 52 33.54 34.09 5.11
CA ARG A 52 33.52 34.07 6.57
C ARG A 52 32.11 33.83 7.06
N VAL A 53 31.13 34.34 6.31
CA VAL A 53 29.73 34.20 6.67
C VAL A 53 29.12 32.87 6.27
N TYR A 54 29.30 32.48 5.00
CA TYR A 54 28.75 31.21 4.59
C TYR A 54 29.33 30.10 5.43
N THR A 55 30.52 30.34 5.98
CA THR A 55 31.14 29.37 6.87
C THR A 55 30.38 29.34 8.19
N ALA A 56 30.35 30.48 8.86
CA ALA A 56 29.66 30.61 10.16
C ALA A 56 28.24 30.07 10.09
N ASN A 57 27.57 30.38 8.99
CA ASN A 57 26.21 29.92 8.78
C ASN A 57 26.21 28.41 8.63
N GLN A 58 26.90 27.90 7.62
CA GLN A 58 26.94 26.45 7.39
C GLN A 58 27.68 25.70 8.50
N ASN A 59 27.68 26.30 9.69
CA ASN A 59 28.31 25.68 10.87
C ASN A 59 27.21 25.58 11.94
N CYS A 60 26.21 26.44 11.80
CA CYS A 60 25.07 26.47 12.69
C CYS A 60 24.00 25.61 12.07
N VAL A 61 24.05 25.47 10.75
CA VAL A 61 23.07 24.66 10.05
C VAL A 61 23.35 23.18 10.24
N ASP A 62 24.54 22.84 10.73
CA ASP A 62 24.88 21.45 11.00
C ASP A 62 24.48 21.16 12.43
N ALA A 63 24.36 22.22 13.22
CA ALA A 63 24.02 22.14 14.63
C ALA A 63 22.53 22.09 14.91
N TYR A 64 21.74 22.79 14.09
CA TYR A 64 20.29 22.85 14.24
C TYR A 64 19.63 21.53 14.57
N PRO A 65 19.76 20.54 13.67
CA PRO A 65 19.16 19.21 13.82
C PRO A 65 19.54 18.52 15.14
N THR A 66 20.84 18.28 15.33
CA THR A 66 21.36 17.60 16.53
C THR A 66 21.05 18.35 17.82
N PHE A 67 20.58 19.58 17.70
CA PHE A 67 20.22 20.40 18.85
C PHE A 67 18.74 20.25 19.07
N LEU A 68 17.97 20.44 18.01
CA LEU A 68 16.53 20.31 18.08
C LEU A 68 16.20 18.94 18.64
N ALA A 69 17.04 17.97 18.32
CA ALA A 69 16.85 16.63 18.83
C ALA A 69 16.71 16.66 20.36
N VAL A 70 17.83 16.86 21.07
CA VAL A 70 17.80 16.89 22.53
C VAL A 70 16.94 18.00 23.11
N LEU A 71 16.59 18.99 22.30
CA LEU A 71 15.73 20.09 22.73
C LEU A 71 14.34 19.55 23.10
N TRP A 72 13.87 18.60 22.30
CA TRP A 72 12.56 17.99 22.54
C TRP A 72 12.68 16.74 23.39
N SER A 73 13.58 15.85 23.00
CA SER A 73 13.80 14.61 23.74
C SER A 73 13.90 14.95 25.23
N ALA A 74 14.59 16.05 25.51
CA ALA A 74 14.76 16.50 26.87
C ALA A 74 13.59 17.39 27.26
N GLY A 75 12.66 17.61 26.34
CA GLY A 75 11.49 18.44 26.59
C GLY A 75 10.25 17.60 26.93
N LEU A 76 10.20 16.39 26.35
CA LEU A 76 9.10 15.45 26.59
C LEU A 76 9.57 14.42 27.61
N LEU A 77 10.68 13.77 27.30
CA LEU A 77 11.23 12.78 28.18
C LEU A 77 11.64 13.36 29.52
N CYS A 78 11.35 14.64 29.76
CA CYS A 78 11.72 15.29 31.02
C CYS A 78 11.50 16.81 30.99
N SER A 79 10.80 17.32 31.99
CA SER A 79 10.53 18.76 32.16
C SER A 79 10.57 19.67 30.92
N GLN A 80 9.41 20.19 30.57
CA GLN A 80 9.27 21.08 29.42
C GLN A 80 9.86 22.48 29.70
N VAL A 81 10.20 22.75 30.96
CA VAL A 81 10.74 24.06 31.36
C VAL A 81 12.24 24.19 31.18
N PRO A 82 13.01 23.35 31.88
CA PRO A 82 14.48 23.41 31.79
C PRO A 82 14.88 23.20 30.34
N ALA A 83 14.28 22.19 29.73
CA ALA A 83 14.54 21.84 28.34
C ALA A 83 14.39 23.10 27.50
N ALA A 84 13.28 23.81 27.70
CA ALA A 84 12.95 25.02 26.96
C ALA A 84 13.92 26.15 27.26
N PHE A 85 14.37 26.24 28.50
CA PHE A 85 15.30 27.30 28.86
C PHE A 85 16.65 27.03 28.24
N ALA A 86 17.22 25.87 28.58
CA ALA A 86 18.52 25.45 28.08
C ALA A 86 18.58 25.66 26.57
N GLY A 87 17.48 25.33 25.90
CA GLY A 87 17.36 25.51 24.46
C GLY A 87 17.38 26.98 24.13
N LEU A 88 16.98 27.80 25.09
CA LEU A 88 16.96 29.24 24.89
C LEU A 88 18.37 29.80 24.90
N MET A 89 19.19 29.30 25.81
CA MET A 89 20.58 29.74 25.92
C MET A 89 21.32 29.37 24.66
N TYR A 90 21.01 28.18 24.15
CA TYR A 90 21.62 27.69 22.92
C TYR A 90 21.42 28.69 21.81
N LEU A 91 20.30 29.41 21.86
CA LEU A 91 19.99 30.42 20.85
C LEU A 91 20.83 31.67 21.10
N PHE A 92 21.39 31.77 22.30
CA PHE A 92 22.25 32.89 22.67
C PHE A 92 23.69 32.60 22.29
N VAL A 93 24.13 31.37 22.51
CA VAL A 93 25.47 30.95 22.11
C VAL A 93 25.54 31.06 20.59
N ARG A 94 24.49 30.56 19.93
CA ARG A 94 24.38 30.59 18.48
C ARG A 94 24.57 32.00 18.00
N GLN A 95 23.94 32.94 18.67
CA GLN A 95 24.06 34.33 18.28
C GLN A 95 25.50 34.81 18.47
N LYS A 96 26.05 34.52 19.64
CA LYS A 96 27.40 34.93 20.01
C LYS A 96 28.50 34.23 19.24
N TYR A 97 28.19 33.05 18.70
CA TYR A 97 29.17 32.31 17.92
C TYR A 97 29.12 32.75 16.47
N PHE A 98 27.91 32.83 15.91
CA PHE A 98 27.73 33.25 14.53
C PHE A 98 28.01 34.74 14.40
N VAL A 99 28.23 35.40 15.53
CA VAL A 99 28.54 36.82 15.53
C VAL A 99 30.06 37.02 15.49
N GLY A 100 30.78 36.40 16.42
CA GLY A 100 32.23 36.48 16.48
C GLY A 100 32.90 35.88 15.26
N TYR A 101 32.17 34.99 14.59
CA TYR A 101 32.68 34.34 13.40
C TYR A 101 32.44 35.25 12.20
N LEU A 102 32.52 36.56 12.47
CA LEU A 102 32.36 37.59 11.45
C LEU A 102 33.42 38.65 11.71
N GLY A 103 33.07 39.66 12.49
CA GLY A 103 33.99 40.74 12.81
C GLY A 103 34.67 41.28 11.56
N GLU A 104 36.00 41.24 11.55
CA GLU A 104 36.80 41.71 10.44
C GLU A 104 38.23 41.79 10.93
N ARG A 105 39.15 41.14 10.21
CA ARG A 105 40.56 41.11 10.61
C ARG A 105 40.74 40.51 12.01
N THR A 106 39.82 40.83 12.92
CA THR A 106 39.83 40.32 14.28
C THR A 106 39.83 38.80 14.24
N GLN A 107 40.35 38.18 15.29
CA GLN A 107 40.43 36.73 15.37
C GLN A 107 39.07 36.06 15.28
N SER A 108 38.49 36.01 14.07
CA SER A 108 37.19 35.39 13.86
C SER A 108 37.16 34.01 14.47
N THR A 109 36.25 33.83 15.43
CA THR A 109 36.11 32.58 16.17
C THR A 109 36.21 31.31 15.33
N PRO A 110 37.07 30.38 15.77
CA PRO A 110 37.28 29.08 15.14
C PRO A 110 36.29 28.06 15.70
N GLY A 111 36.59 26.78 15.50
CA GLY A 111 35.77 25.69 15.97
C GLY A 111 34.29 25.89 15.67
N TYR A 112 33.74 25.01 14.85
CA TYR A 112 32.32 25.09 14.53
C TYR A 112 31.49 24.33 15.54
N ILE A 113 32.19 23.71 16.50
CA ILE A 113 31.55 23.00 17.59
C ILE A 113 31.27 24.02 18.67
N PHE A 114 29.99 24.19 19.02
CA PHE A 114 29.67 25.15 20.05
C PHE A 114 28.51 24.73 20.96
N GLY A 115 28.47 25.37 22.12
CA GLY A 115 27.53 25.10 23.19
C GLY A 115 27.49 23.65 23.63
N LYS A 116 28.62 22.96 23.47
CA LYS A 116 28.77 21.55 23.83
C LYS A 116 28.03 21.23 25.12
N ARG A 117 28.16 22.13 26.10
CA ARG A 117 27.53 21.94 27.40
C ARG A 117 26.00 21.93 27.34
N ILE A 118 25.41 22.86 26.59
CA ILE A 118 23.96 22.87 26.49
C ILE A 118 23.41 21.53 25.99
N ILE A 119 23.73 21.18 24.75
CA ILE A 119 23.25 19.93 24.15
C ILE A 119 23.62 18.74 25.02
N LEU A 120 24.78 18.83 25.64
CA LEU A 120 25.22 17.77 26.53
C LEU A 120 24.15 17.66 27.61
N PHE A 121 23.86 18.79 28.25
CA PHE A 121 22.85 18.88 29.30
C PHE A 121 21.49 18.36 28.84
N LEU A 122 20.96 18.98 27.79
CA LEU A 122 19.65 18.60 27.25
C LEU A 122 19.65 17.10 27.04
N PHE A 123 20.77 16.59 26.53
CA PHE A 123 20.93 15.17 26.26
C PHE A 123 20.83 14.36 27.54
N LEU A 124 21.12 15.00 28.66
CA LEU A 124 21.07 14.32 29.94
C LEU A 124 19.67 14.30 30.55
N MET A 125 18.82 15.23 30.11
CA MET A 125 17.44 15.25 30.56
C MET A 125 16.73 14.15 29.79
N SER A 126 17.09 14.04 28.50
CA SER A 126 16.53 13.02 27.62
C SER A 126 16.93 11.63 28.10
N VAL A 127 18.22 11.47 28.40
CA VAL A 127 18.72 10.20 28.89
C VAL A 127 18.20 9.97 30.31
N ALA A 128 17.71 11.05 30.90
CA ALA A 128 17.16 11.04 32.25
C ALA A 128 15.86 10.27 32.22
N GLY A 129 14.82 10.96 31.76
CA GLY A 129 13.50 10.39 31.68
C GLY A 129 13.49 9.05 30.97
N ILE A 130 14.30 8.96 29.91
CA ILE A 130 14.39 7.75 29.13
C ILE A 130 14.61 6.54 30.04
N PHE A 131 15.47 6.73 31.04
CA PHE A 131 15.75 5.66 31.97
C PHE A 131 14.66 5.61 33.06
N ASN A 132 14.47 6.74 33.75
CA ASN A 132 13.50 6.84 34.83
C ASN A 132 12.18 6.25 34.42
N TYR A 133 11.91 6.25 33.12
CA TYR A 133 10.67 5.69 32.60
C TYR A 133 10.73 4.18 32.79
N TYR A 134 11.90 3.62 32.48
CA TYR A 134 12.10 2.19 32.59
C TYR A 134 11.83 1.68 34.00
N LEU A 135 12.02 2.56 34.98
CA LEU A 135 11.75 2.21 36.37
C LEU A 135 10.26 2.24 36.65
N ILE A 136 9.59 3.33 36.27
CA ILE A 136 8.15 3.45 36.42
C ILE A 136 7.45 2.25 35.74
N PHE A 137 8.11 1.70 34.72
CA PHE A 137 7.59 0.55 34.00
C PHE A 137 7.85 -0.72 34.80
N PHE A 138 9.02 -0.78 35.41
CA PHE A 138 9.41 -1.94 36.20
C PHE A 138 9.02 -1.83 37.67
N PHE A 139 9.24 -0.64 38.24
CA PHE A 139 8.99 -0.37 39.65
C PHE A 139 7.96 0.75 39.83
N MET B 1 5.11 13.65 30.69
CA MET B 1 4.90 12.74 29.57
C MET B 1 4.16 11.46 30.02
N ASP B 2 3.00 11.20 29.42
CA ASP B 2 2.18 10.03 29.76
C ASP B 2 2.94 8.70 29.61
N GLN B 3 3.30 8.11 30.75
CA GLN B 3 4.06 6.86 30.78
C GLN B 3 3.70 5.81 29.72
N GLU B 4 2.44 5.73 29.34
CA GLU B 4 2.02 4.79 28.31
C GLU B 4 2.77 5.16 27.02
N THR B 5 2.50 6.38 26.55
CA THR B 5 3.06 6.94 25.31
C THR B 5 4.56 6.85 25.25
N VAL B 6 5.22 7.39 26.26
CA VAL B 6 6.66 7.37 26.34
C VAL B 6 7.14 5.96 26.04
N GLY B 7 6.33 4.99 26.43
CA GLY B 7 6.63 3.59 26.19
C GLY B 7 6.78 3.30 24.71
N ASN B 8 5.78 3.72 23.91
CA ASN B 8 5.78 3.48 22.46
C ASN B 8 6.61 4.45 21.60
N VAL B 9 7.72 4.95 22.15
CA VAL B 9 8.59 5.89 21.45
C VAL B 9 10.01 5.74 21.99
N VAL B 10 10.11 5.23 23.21
CA VAL B 10 11.37 5.03 23.90
C VAL B 10 12.47 4.55 22.96
N LEU B 11 12.10 3.72 22.00
CA LEU B 11 13.07 3.16 21.09
C LEU B 11 13.60 4.18 20.12
N LEU B 12 12.68 4.93 19.52
CA LEU B 12 13.07 5.97 18.57
C LEU B 12 13.80 7.09 19.28
N ALA B 13 13.52 7.25 20.57
CA ALA B 13 14.18 8.24 21.41
C ALA B 13 15.62 7.75 21.57
N ILE B 14 15.74 6.49 21.98
CA ILE B 14 17.02 5.84 22.18
C ILE B 14 17.88 6.01 20.96
N VAL B 15 17.45 5.35 19.89
CA VAL B 15 18.14 5.38 18.62
C VAL B 15 18.50 6.82 18.28
N THR B 16 17.55 7.71 18.49
CA THR B 16 17.79 9.12 18.19
C THR B 16 18.89 9.73 19.04
N LEU B 17 18.82 9.48 20.35
CA LEU B 17 19.83 10.00 21.27
C LEU B 17 21.19 9.36 20.96
N ILE B 18 21.14 8.19 20.34
CA ILE B 18 22.33 7.47 19.92
C ILE B 18 22.96 8.27 18.80
N SER B 19 22.21 8.41 17.71
CA SER B 19 22.62 9.15 16.54
C SER B 19 22.99 10.59 16.91
N VAL B 20 22.34 11.11 17.94
CA VAL B 20 22.60 12.45 18.45
C VAL B 20 24.03 12.52 18.93
N VAL B 21 24.46 11.45 19.60
CA VAL B 21 25.80 11.32 20.15
C VAL B 21 26.86 10.98 19.09
N GLN B 22 26.51 10.09 18.17
CA GLN B 22 27.41 9.72 17.07
C GLN B 22 27.67 10.97 16.28
N ASN B 23 26.65 11.81 16.18
CA ASN B 23 26.73 13.09 15.47
C ASN B 23 27.80 14.01 16.04
N GLY B 24 27.76 14.22 17.36
CA GLY B 24 28.73 15.07 18.03
C GLY B 24 30.13 14.52 17.84
N PHE B 25 30.23 13.23 17.52
CA PHE B 25 31.52 12.60 17.28
C PHE B 25 32.05 13.06 15.94
N PHE B 26 31.25 12.88 14.90
CA PHE B 26 31.62 13.29 13.56
C PHE B 26 32.07 14.73 13.62
N ALA B 27 31.38 15.51 14.46
CA ALA B 27 31.64 16.94 14.65
C ALA B 27 32.87 17.18 15.50
N HIS B 28 33.40 16.11 16.06
CA HIS B 28 34.58 16.18 16.91
C HIS B 28 35.81 15.87 16.06
N LYS B 29 35.68 14.88 15.19
CA LYS B 29 36.78 14.51 14.32
C LYS B 29 36.97 15.60 13.27
N VAL B 30 36.10 16.60 13.30
CA VAL B 30 36.22 17.74 12.40
C VAL B 30 36.97 18.86 13.13
N GLU B 31 36.95 18.80 14.45
CA GLU B 31 37.67 19.77 15.28
C GLU B 31 39.16 19.41 15.24
N HIS B 32 39.43 18.11 15.34
CA HIS B 32 40.78 17.57 15.29
C HIS B 32 41.53 18.11 14.07
N GLU B 33 40.86 18.05 12.93
CA GLU B 33 41.45 18.46 11.66
C GLU B 33 41.55 19.97 11.47
N SER B 34 40.67 20.73 12.11
CA SER B 34 40.73 22.17 11.96
C SER B 34 41.72 22.74 12.96
N ARG B 35 42.15 21.88 13.88
CA ARG B 35 43.10 22.26 14.93
C ARG B 35 44.54 21.98 14.52
N THR B 36 44.77 20.79 13.95
CA THR B 36 46.10 20.40 13.50
C THR B 36 46.82 21.42 12.62
N GLN B 37 46.23 22.61 12.46
CA GLN B 37 46.93 23.65 11.73
C GLN B 37 46.35 25.04 11.89
N ASN B 38 46.42 25.81 10.81
CA ASN B 38 45.94 27.19 10.83
C ASN B 38 44.43 27.32 10.83
N GLY B 39 43.74 26.29 11.34
CA GLY B 39 42.29 26.33 11.49
C GLY B 39 41.96 27.34 12.58
N ARG B 40 42.98 28.10 13.00
CA ARG B 40 42.87 29.16 14.00
C ARG B 40 42.24 30.39 13.35
N SER B 41 40.91 30.28 13.17
CA SER B 41 40.03 31.24 12.51
C SER B 41 39.14 30.31 11.68
N PHE B 42 39.29 29.01 11.96
CA PHE B 42 38.59 27.91 11.29
C PHE B 42 38.57 27.99 9.78
N GLN B 43 39.74 27.80 9.18
CA GLN B 43 39.86 27.83 7.74
C GLN B 43 39.22 26.57 7.20
N ARG B 44 38.12 26.73 6.46
CA ARG B 44 37.37 25.62 5.88
C ARG B 44 38.07 25.00 4.67
N THR B 45 39.34 24.61 4.85
CA THR B 45 40.14 24.03 3.78
C THR B 45 41.57 23.77 4.29
N GLY B 46 41.67 22.97 5.35
CA GLY B 46 42.93 22.65 5.99
C GLY B 46 43.84 21.73 5.19
N THR B 47 43.24 20.84 4.42
CA THR B 47 43.96 19.91 3.52
C THR B 47 43.91 18.40 3.82
N LEU B 48 43.82 17.67 2.70
CA LEU B 48 43.69 16.23 2.62
C LEU B 48 42.97 15.51 3.73
N ALA B 49 43.42 15.73 4.96
CA ALA B 49 42.84 15.05 6.10
C ALA B 49 41.65 15.83 6.66
N PHE B 50 41.77 17.16 6.63
CA PHE B 50 40.74 18.05 7.13
C PHE B 50 39.68 18.26 6.05
N GLU B 51 40.11 18.22 4.81
CA GLU B 51 39.16 18.38 3.72
C GLU B 51 38.46 17.04 3.49
N ARG B 52 39.09 15.96 3.93
CA ARG B 52 38.49 14.64 3.81
C ARG B 52 37.44 14.40 4.90
N VAL B 53 37.67 15.02 6.06
CA VAL B 53 36.74 14.90 7.19
C VAL B 53 35.56 15.86 7.13
N TYR B 54 35.83 17.14 6.94
CA TYR B 54 34.75 18.12 6.86
C TYR B 54 33.82 17.69 5.74
N THR B 55 34.37 16.96 4.79
CA THR B 55 33.60 16.47 3.67
C THR B 55 32.70 15.32 4.14
N ALA B 56 33.30 14.27 4.69
CA ALA B 56 32.55 13.11 5.20
C ALA B 56 31.47 13.51 6.21
N ASN B 57 31.81 14.47 7.07
CA ASN B 57 30.87 14.97 8.07
C ASN B 57 29.73 15.73 7.38
N GLN B 58 30.07 16.75 6.59
CA GLN B 58 29.08 17.54 5.85
C GLN B 58 28.36 16.72 4.79
N ASN B 59 28.37 15.41 4.95
CA ASN B 59 27.71 14.49 4.02
C ASN B 59 26.73 13.68 4.84
N CYS B 60 27.01 13.64 6.13
CA CYS B 60 26.19 12.93 7.10
C CYS B 60 25.22 13.94 7.71
N VAL B 61 25.63 15.21 7.68
CA VAL B 61 24.83 16.31 8.20
C VAL B 61 23.66 16.64 7.26
N ASP B 62 23.75 16.17 6.02
CA ASP B 62 22.70 16.40 5.02
C ASP B 62 21.74 15.21 5.04
N ALA B 63 22.23 14.10 5.59
CA ALA B 63 21.46 12.87 5.70
C ALA B 63 20.63 12.83 6.97
N TYR B 64 21.15 13.40 8.05
CA TYR B 64 20.45 13.37 9.33
C TYR B 64 18.95 13.67 9.26
N PRO B 65 18.58 14.87 8.79
CA PRO B 65 17.19 15.34 8.66
C PRO B 65 16.30 14.34 7.91
N THR B 66 16.63 14.12 6.65
CA THR B 66 15.87 13.24 5.76
C THR B 66 15.83 11.79 6.26
N PHE B 67 16.60 11.51 7.31
CA PHE B 67 16.65 10.18 7.91
C PHE B 67 15.70 10.17 9.08
N LEU B 68 15.92 11.14 9.96
CA LEU B 68 15.10 11.30 11.14
C LEU B 68 13.65 11.30 10.72
N ALA B 69 13.39 11.92 9.56
CA ALA B 69 12.05 11.99 9.02
C ALA B 69 11.42 10.60 9.01
N VAL B 70 11.85 9.77 8.07
CA VAL B 70 11.32 8.43 7.97
C VAL B 70 11.57 7.56 9.20
N LEU B 71 12.48 7.96 10.08
CA LEU B 71 12.74 7.18 11.29
C LEU B 71 11.54 7.24 12.22
N TRP B 72 10.87 8.37 12.23
CA TRP B 72 9.70 8.54 13.07
C TRP B 72 8.41 8.24 12.33
N SER B 73 8.27 8.83 11.15
CA SER B 73 7.08 8.61 10.34
C SER B 73 6.84 7.11 10.22
N ALA B 74 7.91 6.34 10.13
CA ALA B 74 7.78 4.90 10.06
C ALA B 74 7.79 4.33 11.46
N GLY B 75 7.90 5.21 12.45
CA GLY B 75 7.92 4.79 13.83
C GLY B 75 6.55 4.93 14.47
N LEU B 76 5.81 5.95 14.06
CA LEU B 76 4.46 6.17 14.57
C LEU B 76 3.46 5.60 13.59
N LEU B 77 3.57 6.03 12.35
CA LEU B 77 2.67 5.53 11.32
C LEU B 77 2.86 4.05 11.08
N CYS B 78 3.64 3.39 11.94
CA CYS B 78 3.89 1.97 11.78
C CYS B 78 4.97 1.45 12.72
N SER B 79 4.68 0.35 13.42
CA SER B 79 5.58 -0.31 14.37
C SER B 79 6.84 0.44 14.86
N GLN B 80 6.87 0.72 16.15
CA GLN B 80 7.97 1.45 16.76
C GLN B 80 9.20 0.58 16.94
N VAL B 81 9.07 -0.71 16.64
CA VAL B 81 10.18 -1.64 16.79
C VAL B 81 11.05 -1.76 15.55
N PRO B 82 10.45 -2.14 14.41
CA PRO B 82 11.28 -2.26 13.21
C PRO B 82 11.82 -0.90 12.82
N ALA B 83 10.97 0.11 12.94
CA ALA B 83 11.36 1.47 12.62
C ALA B 83 12.61 1.84 13.43
N ALA B 84 12.59 1.54 14.72
CA ALA B 84 13.73 1.86 15.57
C ALA B 84 14.97 0.99 15.34
N PHE B 85 14.77 -0.22 14.84
CA PHE B 85 15.89 -1.10 14.54
C PHE B 85 16.55 -0.67 13.24
N ALA B 86 15.77 -0.58 12.16
CA ALA B 86 16.33 -0.14 10.89
C ALA B 86 17.04 1.19 11.08
N GLY B 87 16.51 2.03 11.97
CA GLY B 87 17.10 3.32 12.29
C GLY B 87 18.43 3.13 12.99
N LEU B 88 18.59 1.98 13.66
CA LEU B 88 19.83 1.66 14.35
C LEU B 88 20.91 1.24 13.36
N MET B 89 20.53 0.49 12.33
CA MET B 89 21.45 0.03 11.31
C MET B 89 22.00 1.23 10.59
N TYR B 90 21.11 2.19 10.35
CA TYR B 90 21.47 3.43 9.70
C TYR B 90 22.60 4.11 10.47
N LEU B 91 22.63 3.90 11.79
CA LEU B 91 23.69 4.47 12.62
C LEU B 91 24.98 3.66 12.44
N PHE B 92 24.82 2.45 11.92
CA PHE B 92 25.95 1.56 11.65
C PHE B 92 26.54 1.93 10.30
N VAL B 93 25.70 2.08 9.31
CA VAL B 93 26.17 2.46 7.99
C VAL B 93 26.85 3.82 8.09
N ARG B 94 26.23 4.73 8.84
CA ARG B 94 26.78 6.07 9.01
C ARG B 94 28.18 6.00 9.60
N GLN B 95 28.37 5.05 10.50
CA GLN B 95 29.68 4.84 11.11
C GLN B 95 30.67 4.33 10.07
N LYS B 96 30.27 3.29 9.35
CA LYS B 96 31.13 2.67 8.35
C LYS B 96 31.30 3.48 7.07
N TYR B 97 30.49 4.51 6.92
CA TYR B 97 30.61 5.40 5.77
C TYR B 97 31.50 6.57 6.16
N PHE B 98 31.22 7.16 7.32
CA PHE B 98 32.02 8.28 7.82
C PHE B 98 33.40 7.80 8.20
N VAL B 99 33.57 6.48 8.23
CA VAL B 99 34.84 5.87 8.59
C VAL B 99 35.71 5.73 7.35
N GLY B 100 35.19 4.99 6.37
CA GLY B 100 35.89 4.75 5.13
C GLY B 100 36.20 6.06 4.42
N TYR B 101 35.42 7.07 4.72
CA TYR B 101 35.61 8.39 4.13
C TYR B 101 36.71 9.12 4.87
N LEU B 102 37.66 8.34 5.40
CA LEU B 102 38.79 8.91 6.13
C LEU B 102 39.80 9.50 5.15
N GLY B 103 40.28 8.68 4.20
CA GLY B 103 41.24 9.10 3.19
C GLY B 103 42.25 8.06 2.72
N GLU B 104 43.54 8.42 2.81
CA GLU B 104 44.66 7.56 2.42
C GLU B 104 44.66 7.12 0.96
N ARG B 105 44.21 8.01 0.08
CA ARG B 105 44.12 7.72 -1.34
C ARG B 105 42.85 6.93 -1.69
N THR B 106 42.98 6.02 -2.66
CA THR B 106 41.86 5.19 -3.14
C THR B 106 40.52 5.94 -3.26
N GLN B 107 39.46 5.18 -3.53
CA GLN B 107 38.11 5.74 -3.66
C GLN B 107 37.41 5.81 -2.30
N SER B 108 37.86 6.73 -1.46
CA SER B 108 37.30 6.92 -0.12
C SER B 108 35.80 7.19 -0.14
N THR B 109 35.01 6.12 -0.20
CA THR B 109 33.55 6.21 -0.22
C THR B 109 33.10 7.31 -1.13
N PRO B 110 33.47 7.23 -2.42
CA PRO B 110 33.11 8.26 -3.40
C PRO B 110 31.60 8.49 -3.48
N GLY B 111 30.92 8.42 -2.33
CA GLY B 111 29.50 8.59 -2.28
C GLY B 111 29.03 9.67 -1.33
N TYR B 112 28.03 10.42 -1.78
CA TYR B 112 27.41 11.46 -0.98
C TYR B 112 26.29 10.75 -0.22
N ILE B 113 25.62 9.84 -0.93
CA ILE B 113 24.53 9.05 -0.37
C ILE B 113 25.03 7.69 0.08
N PHE B 114 24.27 7.04 0.95
CA PHE B 114 24.65 5.71 1.42
C PHE B 114 23.46 4.77 1.62
N GLY B 115 23.14 4.48 2.88
CA GLY B 115 22.08 3.55 3.22
C GLY B 115 20.72 3.74 2.57
N LYS B 116 20.72 3.99 1.26
CA LYS B 116 19.51 4.19 0.48
C LYS B 116 18.46 3.17 0.86
N ARG B 117 18.91 1.94 1.06
CA ARG B 117 18.01 0.85 1.42
C ARG B 117 17.27 1.11 2.73
N ILE B 118 18.00 1.51 3.76
CA ILE B 118 17.36 1.77 5.04
C ILE B 118 16.26 2.83 4.94
N ILE B 119 16.60 4.06 4.58
CA ILE B 119 15.58 5.11 4.47
C ILE B 119 14.48 4.72 3.48
N LEU B 120 14.85 3.97 2.45
CA LEU B 120 13.85 3.53 1.49
C LEU B 120 12.86 2.71 2.26
N PHE B 121 13.38 1.72 2.99
CA PHE B 121 12.53 0.84 3.80
C PHE B 121 11.69 1.61 4.83
N LEU B 122 12.36 2.39 5.67
CA LEU B 122 11.67 3.20 6.68
C LEU B 122 10.54 3.99 6.01
N PHE B 123 10.83 4.54 4.85
CA PHE B 123 9.86 5.31 4.10
C PHE B 123 8.70 4.44 3.68
N LEU B 124 8.92 3.13 3.65
CA LEU B 124 7.87 2.19 3.27
C LEU B 124 6.97 1.82 4.42
N MET B 125 7.47 1.95 5.64
CA MET B 125 6.64 1.69 6.80
C MET B 125 5.76 2.91 6.96
N SER B 126 6.35 4.07 6.67
CA SER B 126 5.65 5.36 6.75
C SER B 126 4.53 5.36 5.71
N VAL B 127 4.87 5.00 4.49
CA VAL B 127 3.89 4.95 3.40
C VAL B 127 2.92 3.84 3.67
N ALA B 128 3.32 2.91 4.52
CA ALA B 128 2.47 1.78 4.85
C ALA B 128 1.29 2.25 5.67
N GLY B 129 1.56 2.56 6.94
CA GLY B 129 0.54 3.02 7.85
C GLY B 129 -0.25 4.17 7.29
N ILE B 130 0.45 5.09 6.63
CA ILE B 130 -0.20 6.25 6.05
C ILE B 130 -1.37 5.83 5.18
N PHE B 131 -1.18 4.72 4.47
CA PHE B 131 -2.22 4.17 3.60
C PHE B 131 -3.20 3.37 4.45
N ASN B 132 -2.66 2.35 5.12
CA ASN B 132 -3.47 1.46 5.93
C ASN B 132 -4.43 2.23 6.81
N TYR B 133 -4.07 3.46 7.15
CA TYR B 133 -4.93 4.31 7.97
C TYR B 133 -6.17 4.72 7.20
N TYR B 134 -5.97 5.08 5.93
CA TYR B 134 -7.08 5.48 5.09
C TYR B 134 -8.10 4.39 4.98
N LEU B 135 -7.65 3.16 5.17
CA LEU B 135 -8.55 2.02 5.14
C LEU B 135 -9.38 1.99 6.43
N ILE B 136 -8.71 1.95 7.58
CA ILE B 136 -9.38 1.94 8.88
C ILE B 136 -10.37 3.09 8.94
N PHE B 137 -10.10 4.10 8.13
CA PHE B 137 -10.93 5.30 8.08
C PHE B 137 -12.20 5.07 7.26
N PHE B 138 -12.11 4.34 6.15
CA PHE B 138 -13.30 4.09 5.34
C PHE B 138 -13.96 2.76 5.58
N PHE B 139 -13.52 1.72 4.89
CA PHE B 139 -14.09 0.39 5.08
C PHE B 139 -13.88 -0.10 6.52
N GLY B 140 -13.30 0.77 7.34
CA GLY B 140 -13.05 0.53 8.75
C GLY B 140 -14.25 1.02 9.53
N SER B 141 -14.84 2.12 9.07
CA SER B 141 -16.06 2.66 9.68
C SER B 141 -17.21 1.84 9.11
N ASP B 142 -18.02 2.45 8.24
CA ASP B 142 -19.15 1.79 7.56
C ASP B 142 -19.67 0.64 8.39
N PHE B 143 -19.17 -0.55 8.07
CA PHE B 143 -19.47 -1.81 8.77
C PHE B 143 -20.79 -1.83 9.53
N GLU B 144 -21.72 -1.01 9.09
CA GLU B 144 -23.02 -0.85 9.75
C GLU B 144 -23.69 -2.12 10.27
N ASN B 145 -24.05 -2.08 11.55
CA ASN B 145 -24.70 -3.19 12.22
C ASN B 145 -26.12 -2.80 12.62
N TYR B 146 -26.94 -2.46 11.63
CA TYR B 146 -28.32 -2.09 11.86
C TYR B 146 -29.10 -3.28 12.44
N ILE B 147 -28.78 -3.63 13.68
CA ILE B 147 -29.39 -4.77 14.39
C ILE B 147 -30.79 -4.44 14.96
N ALA B 148 -31.40 -3.39 14.42
CA ALA B 148 -32.73 -2.98 14.84
C ALA B 148 -33.71 -4.16 14.83
N MET C 1 -0.28 3.76 16.78
CA MET C 1 -0.70 5.14 16.96
C MET C 1 -2.21 5.32 16.89
N ASP C 2 -2.72 6.12 17.81
CA ASP C 2 -4.16 6.43 17.95
C ASP C 2 -4.85 6.91 16.66
N GLN C 3 -5.66 6.02 16.06
CA GLN C 3 -6.35 6.27 14.80
C GLN C 3 -6.86 7.70 14.63
N GLU C 4 -7.41 8.26 15.70
CA GLU C 4 -7.94 9.61 15.60
C GLU C 4 -6.79 10.58 15.30
N THR C 5 -5.76 10.53 16.15
CA THR C 5 -4.57 11.38 16.06
C THR C 5 -3.90 11.32 14.69
N VAL C 6 -3.58 10.10 14.27
CA VAL C 6 -2.94 9.84 12.99
C VAL C 6 -3.68 10.64 11.92
N GLY C 7 -5.00 10.71 12.10
CA GLY C 7 -5.88 11.44 11.22
C GLY C 7 -5.48 12.90 11.08
N ASN C 8 -5.32 13.59 12.21
CA ASN C 8 -4.98 15.02 12.21
C ASN C 8 -3.49 15.32 12.06
N VAL C 9 -2.82 14.51 11.24
CA VAL C 9 -1.40 14.69 11.01
C VAL C 9 -1.01 14.04 9.69
N VAL C 10 -1.87 13.14 9.24
CA VAL C 10 -1.69 12.43 7.99
C VAL C 10 -1.20 13.32 6.87
N LEU C 11 -1.62 14.58 6.89
CA LEU C 11 -1.21 15.50 5.84
C LEU C 11 0.22 15.94 5.98
N LEU C 12 0.59 16.32 7.19
CA LEU C 12 1.96 16.75 7.47
C LEU C 12 2.88 15.58 7.18
N ALA C 13 2.40 14.38 7.51
CA ALA C 13 3.16 13.17 7.23
C ALA C 13 3.36 13.04 5.72
N ILE C 14 2.24 13.12 5.00
CA ILE C 14 2.25 13.02 3.54
C ILE C 14 3.23 14.01 2.95
N VAL C 15 2.94 15.29 3.15
CA VAL C 15 3.79 16.37 2.63
C VAL C 15 5.23 16.08 3.01
N THR C 16 5.42 15.67 4.26
CA THR C 16 6.75 15.36 4.75
C THR C 16 7.43 14.21 3.99
N LEU C 17 6.71 13.10 3.83
CA LEU C 17 7.23 11.95 3.09
C LEU C 17 7.50 12.35 1.62
N ILE C 18 6.78 13.36 1.15
CA ILE C 18 6.93 13.87 -0.20
C ILE C 18 8.29 14.50 -0.25
N SER C 19 8.43 15.54 0.55
CA SER C 19 9.67 16.28 0.66
C SER C 19 10.84 15.36 0.95
N VAL C 20 10.59 14.27 1.68
CA VAL C 20 11.65 13.33 2.02
C VAL C 20 12.16 12.68 0.74
N VAL C 21 11.22 12.41 -0.16
CA VAL C 21 11.51 11.78 -1.43
C VAL C 21 12.12 12.74 -2.43
N GLN C 22 11.58 13.96 -2.49
CA GLN C 22 12.15 14.97 -3.38
C GLN C 22 13.59 15.22 -2.92
N ASN C 23 13.80 15.11 -1.61
CA ASN C 23 15.13 15.31 -1.03
C ASN C 23 16.13 14.32 -1.62
N GLY C 24 15.76 13.04 -1.57
CA GLY C 24 16.59 11.97 -2.09
C GLY C 24 16.90 12.18 -3.55
N PHE C 25 16.08 13.00 -4.20
CA PHE C 25 16.27 13.32 -5.61
C PHE C 25 17.43 14.27 -5.72
N PHE C 26 17.30 15.38 -4.99
CA PHE C 26 18.32 16.41 -4.98
C PHE C 26 19.67 15.77 -4.75
N ALA C 27 19.69 14.80 -3.84
CA ALA C 27 20.90 14.09 -3.47
C ALA C 27 21.26 12.99 -4.46
N HIS C 28 20.49 12.88 -5.52
CA HIS C 28 20.74 11.90 -6.57
C HIS C 28 21.37 12.64 -7.75
N LYS C 29 20.83 13.83 -8.04
CA LYS C 29 21.36 14.65 -9.11
C LYS C 29 22.74 15.16 -8.70
N VAL C 30 23.12 14.90 -7.45
CA VAL C 30 24.42 15.28 -6.97
C VAL C 30 25.37 14.09 -7.11
N GLU C 31 24.81 12.90 -7.23
CA GLU C 31 25.65 11.71 -7.44
C GLU C 31 26.05 11.61 -8.89
N HIS C 32 25.14 12.01 -9.77
CA HIS C 32 25.42 12.00 -11.20
C HIS C 32 26.61 12.89 -11.51
N GLU C 33 26.66 14.05 -10.86
CA GLU C 33 27.71 15.03 -11.07
C GLU C 33 29.05 14.66 -10.46
N SER C 34 29.03 13.89 -9.37
CA SER C 34 30.26 13.48 -8.72
C SER C 34 30.78 12.21 -9.38
N ARG C 35 29.96 11.66 -10.26
CA ARG C 35 30.30 10.44 -10.99
C ARG C 35 30.91 10.72 -12.35
N THR C 36 30.26 11.58 -13.14
CA THR C 36 30.78 11.90 -14.48
C THR C 36 32.06 12.70 -14.34
N GLN C 37 32.15 13.41 -13.22
CA GLN C 37 33.32 14.23 -12.88
C GLN C 37 34.34 13.23 -12.34
N ASN C 38 34.54 12.16 -13.12
CA ASN C 38 35.44 11.04 -12.84
C ASN C 38 36.33 11.17 -11.61
N GLY C 39 35.70 11.28 -10.45
CA GLY C 39 36.42 11.44 -9.20
C GLY C 39 36.70 10.15 -8.46
N ARG C 40 37.79 10.16 -7.70
CA ARG C 40 38.18 9.02 -6.89
C ARG C 40 37.31 9.06 -5.64
N SER C 41 37.63 10.00 -4.76
CA SER C 41 36.89 10.22 -3.53
C SER C 41 35.65 11.05 -3.82
N PHE C 42 35.70 12.33 -3.45
CA PHE C 42 34.58 13.25 -3.67
C PHE C 42 34.83 14.57 -2.94
N GLN C 43 35.16 15.61 -3.70
CA GLN C 43 35.41 16.93 -3.15
C GLN C 43 34.20 17.80 -3.44
N ARG C 44 34.14 18.97 -2.80
CA ARG C 44 33.03 19.89 -3.02
C ARG C 44 33.23 20.72 -4.29
N THR C 45 34.39 20.56 -4.93
CA THR C 45 34.70 21.31 -6.14
C THR C 45 35.27 20.46 -7.27
N GLY C 46 34.99 20.87 -8.51
CA GLY C 46 35.47 20.17 -9.68
C GLY C 46 34.47 20.04 -10.82
N THR C 47 34.18 21.18 -11.45
CA THR C 47 33.27 21.33 -12.60
C THR C 47 32.33 22.48 -12.32
N LEU C 48 31.56 22.89 -13.31
CA LEU C 48 30.56 23.91 -13.09
C LEU C 48 29.17 23.29 -13.14
N ALA C 49 29.14 22.00 -13.49
CA ALA C 49 27.89 21.26 -13.53
C ALA C 49 27.70 20.62 -12.18
N PHE C 50 28.81 20.15 -11.61
CA PHE C 50 28.80 19.49 -10.31
C PHE C 50 28.93 20.50 -9.19
N GLU C 51 29.57 21.61 -9.50
CA GLU C 51 29.70 22.63 -8.49
C GLU C 51 28.41 23.44 -8.49
N ARG C 52 27.66 23.36 -9.58
CA ARG C 52 26.39 24.07 -9.65
C ARG C 52 25.28 23.25 -9.00
N VAL C 53 25.45 21.93 -8.99
CA VAL C 53 24.48 21.02 -8.37
C VAL C 53 24.70 20.88 -6.87
N TYR C 54 25.94 20.56 -6.47
CA TYR C 54 26.22 20.40 -5.05
C TYR C 54 25.86 21.69 -4.33
N THR C 55 25.93 22.81 -5.06
CA THR C 55 25.55 24.09 -4.48
C THR C 55 24.03 24.13 -4.29
N ALA C 56 23.27 24.01 -5.38
CA ALA C 56 21.80 23.99 -5.34
C ALA C 56 21.26 23.06 -4.26
N ASN C 57 21.86 21.89 -4.18
CA ASN C 57 21.47 20.90 -3.20
C ASN C 57 21.76 21.42 -1.79
N GLN C 58 23.04 21.69 -1.51
CA GLN C 58 23.42 22.17 -0.20
C GLN C 58 22.88 23.57 0.13
N ASN C 59 21.77 23.95 -0.51
CA ASN C 59 21.11 25.22 -0.23
C ASN C 59 19.71 24.87 0.20
N CYS C 60 19.31 23.68 -0.23
CA CYS C 60 18.00 23.15 0.06
C CYS C 60 18.13 22.35 1.34
N VAL C 61 19.32 21.84 1.57
CA VAL C 61 19.57 21.06 2.77
C VAL C 61 19.62 21.99 3.98
N ASP C 62 19.89 23.27 3.73
CA ASP C 62 19.95 24.23 4.83
C ASP C 62 18.54 24.63 5.17
N ALA C 63 17.67 24.54 4.17
CA ALA C 63 16.28 24.96 4.28
C ALA C 63 15.33 23.91 4.85
N TYR C 64 15.63 22.63 4.61
CA TYR C 64 14.77 21.55 5.10
C TYR C 64 14.37 21.68 6.58
N PRO C 65 15.35 21.77 7.49
CA PRO C 65 15.10 21.88 8.93
C PRO C 65 14.19 23.06 9.29
N THR C 66 14.66 24.26 8.98
CA THR C 66 13.96 25.51 9.27
C THR C 66 12.57 25.60 8.65
N PHE C 67 12.30 24.71 7.71
CA PHE C 67 10.99 24.68 7.04
C PHE C 67 10.14 23.66 7.76
N LEU C 68 10.70 22.47 7.94
CA LEU C 68 10.04 21.39 8.65
C LEU C 68 9.52 21.95 9.95
N ALA C 69 10.30 22.85 10.54
CA ALA C 69 9.95 23.50 11.79
C ALA C 69 8.54 24.07 11.67
N VAL C 70 8.40 25.20 10.98
CA VAL C 70 7.10 25.84 10.82
C VAL C 70 6.04 25.01 10.10
N LEU C 71 6.45 23.93 9.43
CA LEU C 71 5.49 23.08 8.74
C LEU C 71 4.63 22.37 9.76
N TRP C 72 5.24 21.98 10.87
CA TRP C 72 4.51 21.27 11.90
C TRP C 72 4.00 22.18 12.97
N SER C 73 4.84 23.07 13.45
CA SER C 73 4.41 24.04 14.46
C SER C 73 3.15 24.78 13.97
N ALA C 74 3.08 25.00 12.66
CA ALA C 74 1.90 25.64 12.10
C ALA C 74 0.90 24.56 11.70
N GLY C 75 1.26 23.31 11.95
CA GLY C 75 0.40 22.17 11.61
C GLY C 75 -0.36 21.67 12.82
N LEU C 76 0.24 21.81 14.00
CA LEU C 76 -0.39 21.39 15.25
C LEU C 76 -0.94 22.62 15.93
N LEU C 77 -0.08 23.61 16.08
CA LEU C 77 -0.48 24.84 16.72
C LEU C 77 -1.52 25.63 15.93
N CYS C 78 -2.05 25.02 14.89
CA CYS C 78 -3.07 25.65 14.05
C CYS C 78 -3.26 24.93 12.70
N SER C 79 -4.53 24.65 12.38
CA SER C 79 -4.93 23.96 11.16
C SER C 79 -3.94 23.04 10.46
N GLN C 80 -4.26 21.75 10.48
CA GLN C 80 -3.42 20.75 9.83
C GLN C 80 -3.59 20.79 8.30
N VAL C 81 -4.54 21.59 7.84
CA VAL C 81 -4.80 21.70 6.42
C VAL C 81 -3.99 22.74 5.68
N PRO C 82 -4.15 24.02 6.05
CA PRO C 82 -3.38 25.05 5.35
C PRO C 82 -1.89 24.78 5.55
N ALA C 83 -1.54 24.41 6.78
CA ALA C 83 -0.17 24.09 7.13
C ALA C 83 0.38 23.09 6.14
N ALA C 84 -0.37 22.03 5.92
CA ALA C 84 0.05 20.99 5.01
C ALA C 84 0.04 21.41 3.55
N PHE C 85 -0.86 22.32 3.17
CA PHE C 85 -0.83 22.73 1.78
C PHE C 85 0.33 23.65 1.55
N ALA C 86 0.43 24.69 2.37
CA ALA C 86 1.51 25.65 2.27
C ALA C 86 2.85 24.93 2.16
N GLY C 87 3.00 23.89 2.99
CA GLY C 87 4.19 23.07 3.00
C GLY C 87 4.34 22.34 1.68
N LEU C 88 3.22 22.15 0.99
CA LEU C 88 3.22 21.48 -0.28
C LEU C 88 3.78 22.41 -1.36
N MET C 89 3.39 23.67 -1.30
CA MET C 89 3.89 24.65 -2.26
C MET C 89 5.38 24.75 -2.12
N TYR C 90 5.80 24.73 -0.86
CA TYR C 90 7.21 24.84 -0.54
C TYR C 90 7.97 23.78 -1.29
N LEU C 91 7.36 22.63 -1.50
CA LEU C 91 8.02 21.56 -2.23
C LEU C 91 8.01 21.85 -3.72
N PHE C 92 7.18 22.81 -4.12
CA PHE C 92 7.10 23.23 -5.51
C PHE C 92 8.14 24.30 -5.76
N VAL C 93 8.31 25.20 -4.81
CA VAL C 93 9.33 26.22 -4.93
C VAL C 93 10.69 25.55 -4.95
N ARG C 94 10.85 24.57 -4.05
CA ARG C 94 12.11 23.81 -3.92
C ARG C 94 12.44 23.15 -5.23
N GLN C 95 11.42 22.65 -5.91
CA GLN C 95 11.62 22.04 -7.22
C GLN C 95 12.10 23.07 -8.22
N LYS C 96 11.34 24.16 -8.33
CA LYS C 96 11.64 25.21 -9.29
C LYS C 96 12.88 26.02 -8.98
N TYR C 97 13.35 25.96 -7.74
CA TYR C 97 14.57 26.68 -7.41
C TYR C 97 15.76 25.75 -7.63
N PHE C 98 15.63 24.50 -7.21
CA PHE C 98 16.69 23.51 -7.36
C PHE C 98 16.85 23.17 -8.82
N VAL C 99 15.87 23.57 -9.62
CA VAL C 99 15.94 23.30 -11.05
C VAL C 99 16.63 24.42 -11.81
N GLY C 100 16.20 25.65 -11.60
CA GLY C 100 16.80 26.80 -12.27
C GLY C 100 18.25 27.00 -11.87
N TYR C 101 18.59 26.43 -10.72
CA TYR C 101 19.94 26.55 -10.20
C TYR C 101 20.96 25.60 -10.82
N LEU C 102 21.43 25.96 -12.02
CA LEU C 102 22.50 25.25 -12.76
C LEU C 102 22.22 25.12 -14.24
N GLY C 103 20.99 24.71 -14.56
CA GLY C 103 20.56 24.53 -15.93
C GLY C 103 20.69 25.77 -16.78
N GLU C 104 20.09 26.87 -16.32
CA GLU C 104 20.12 28.13 -17.06
C GLU C 104 21.40 28.95 -16.89
N ARG C 105 21.97 28.95 -15.68
CA ARG C 105 23.16 29.77 -15.38
C ARG C 105 22.94 31.18 -15.93
N THR C 106 21.69 31.64 -15.83
CA THR C 106 21.28 32.95 -16.31
C THR C 106 20.98 33.85 -15.11
N GLN C 107 21.63 35.01 -15.08
CA GLN C 107 21.45 35.95 -13.97
C GLN C 107 19.99 36.28 -13.70
N SER C 108 19.46 35.65 -12.67
CA SER C 108 18.08 35.80 -12.25
C SER C 108 17.81 34.61 -11.33
N THR C 109 18.66 33.59 -11.46
CA THR C 109 18.53 32.35 -10.71
C THR C 109 19.23 32.27 -9.34
N PRO C 110 20.52 32.66 -9.27
CA PRO C 110 21.33 32.58 -8.04
C PRO C 110 20.57 32.91 -6.75
N GLY C 111 21.04 32.40 -5.61
CA GLY C 111 20.43 32.72 -4.34
C GLY C 111 20.14 31.63 -3.31
N TYR C 112 20.54 31.88 -2.07
CA TYR C 112 20.25 30.99 -0.95
C TYR C 112 19.04 31.59 -0.25
N ILE C 113 17.85 31.20 -0.65
CA ILE C 113 16.64 31.74 -0.05
C ILE C 113 15.48 30.80 -0.27
N PHE C 114 14.77 31.06 -1.37
CA PHE C 114 13.63 30.29 -1.81
C PHE C 114 12.46 30.06 -0.85
N GLY C 115 11.38 30.76 -1.16
CA GLY C 115 10.09 30.70 -0.50
C GLY C 115 9.90 31.41 0.82
N LYS C 116 10.63 32.52 1.04
CA LYS C 116 10.52 33.24 2.31
C LYS C 116 9.06 33.48 2.70
N ARG C 117 8.21 33.67 1.70
CA ARG C 117 6.79 33.90 1.95
C ARG C 117 6.12 32.70 2.60
N ILE C 118 6.39 31.51 2.08
CA ILE C 118 5.80 30.29 2.62
C ILE C 118 6.14 30.10 4.09
N ILE C 119 7.43 29.95 4.40
CA ILE C 119 7.90 29.75 5.77
C ILE C 119 7.43 30.89 6.66
N LEU C 120 7.43 32.09 6.11
CA LEU C 120 6.97 33.24 6.86
C LEU C 120 5.52 32.96 7.27
N PHE C 121 4.70 32.60 6.29
CA PHE C 121 3.30 32.31 6.53
C PHE C 121 3.12 31.18 7.54
N LEU C 122 3.72 30.03 7.24
CA LEU C 122 3.65 28.88 8.11
C LEU C 122 3.99 29.33 9.53
N PHE C 123 5.02 30.16 9.63
CA PHE C 123 5.47 30.69 10.90
C PHE C 123 4.40 31.57 11.55
N LEU C 124 3.47 32.06 10.74
CA LEU C 124 2.42 32.92 11.27
C LEU C 124 1.26 32.11 11.81
N MET C 125 1.13 30.88 11.32
CA MET C 125 0.09 29.99 11.79
C MET C 125 0.55 29.45 13.14
N SER C 126 1.84 29.19 13.24
CA SER C 126 2.45 28.70 14.48
C SER C 126 2.42 29.79 15.54
N VAL C 127 2.76 31.01 15.14
CA VAL C 127 2.73 32.14 16.05
C VAL C 127 1.28 32.51 16.33
N ALA C 128 0.39 32.00 15.48
CA ALA C 128 -1.04 32.23 15.62
C ALA C 128 -1.55 31.44 16.80
N GLY C 129 -1.66 30.13 16.62
CA GLY C 129 -2.11 29.26 17.68
C GLY C 129 -1.35 29.45 18.98
N ILE C 130 -0.04 29.63 18.88
CA ILE C 130 0.79 29.80 20.08
C ILE C 130 0.24 30.89 20.97
N PHE C 131 -0.24 31.97 20.35
CA PHE C 131 -0.81 33.07 21.10
C PHE C 131 -2.26 32.73 21.49
N ASN C 132 -3.08 32.47 20.48
CA ASN C 132 -4.48 32.16 20.69
C ASN C 132 -4.66 31.14 21.79
N TYR C 133 -3.65 30.31 22.01
CA TYR C 133 -3.71 29.32 23.06
C TYR C 133 -3.64 30.02 24.40
N TYR C 134 -2.79 31.03 24.48
CA TYR C 134 -2.64 31.77 25.72
C TYR C 134 -3.95 32.42 26.14
N LEU C 135 -4.82 32.68 25.17
CA LEU C 135 -6.13 33.28 25.47
C LEU C 135 -7.05 32.23 26.07
N ILE C 136 -7.20 31.11 25.37
CA ILE C 136 -8.03 30.01 25.84
C ILE C 136 -7.58 29.59 27.23
N PHE C 137 -6.31 29.84 27.51
CA PHE C 137 -5.72 29.52 28.78
C PHE C 137 -6.12 30.58 29.79
N PHE C 138 -6.22 31.82 29.32
CA PHE C 138 -6.57 32.94 30.18
C PHE C 138 -8.02 33.35 30.14
N PHE C 139 -8.51 33.67 28.96
CA PHE C 139 -9.85 34.18 28.86
C PHE C 139 -10.88 33.14 28.48
N GLY C 140 -10.45 32.07 27.83
CA GLY C 140 -11.38 31.02 27.43
C GLY C 140 -12.17 30.46 28.60
N SER C 141 -11.54 30.46 29.78
CA SER C 141 -12.14 29.96 31.01
C SER C 141 -13.15 30.94 31.62
N ASP C 142 -13.04 32.21 31.26
CA ASP C 142 -13.92 33.23 31.81
C ASP C 142 -15.37 33.16 31.33
N PHE C 143 -16.26 33.66 32.18
CA PHE C 143 -17.69 33.67 31.89
C PHE C 143 -18.53 34.21 33.05
N GLU C 144 -18.41 35.51 33.31
CA GLU C 144 -19.11 36.21 34.39
C GLU C 144 -20.60 35.91 34.56
N ASN C 145 -20.92 34.64 34.77
CA ASN C 145 -22.30 34.21 35.02
C ASN C 145 -22.31 33.93 36.50
N TYR C 146 -21.11 33.95 37.06
CA TYR C 146 -20.85 33.73 38.47
C TYR C 146 -21.38 34.92 39.24
N ILE C 147 -21.75 35.96 38.50
CA ILE C 147 -22.35 37.15 39.09
C ILE C 147 -23.87 36.97 39.01
N ALA C 148 -24.30 35.73 39.26
CA ALA C 148 -25.72 35.38 39.26
C ALA C 148 -26.21 35.35 40.71
N THR C 149 -26.04 36.49 41.39
CA THR C 149 -26.43 36.64 42.78
C THR C 149 -27.84 37.22 42.85
N MET D 1 -1.26 -15.98 7.10
CA MET D 1 -0.84 -17.06 6.22
C MET D 1 0.68 -17.17 6.13
N ASP D 2 1.17 -18.41 6.12
CA ASP D 2 2.62 -18.71 6.08
C ASP D 2 3.40 -18.02 4.95
N GLN D 3 4.23 -17.06 5.33
CA GLN D 3 5.01 -16.29 4.38
C GLN D 3 5.61 -17.10 3.24
N GLU D 4 6.03 -18.32 3.56
CA GLU D 4 6.61 -19.19 2.55
C GLU D 4 5.59 -19.40 1.44
N THR D 5 4.48 -20.03 1.84
CA THR D 5 3.37 -20.42 0.99
C THR D 5 2.83 -19.25 0.17
N VAL D 6 2.52 -18.17 0.87
CA VAL D 6 2.02 -16.96 0.24
C VAL D 6 2.92 -16.63 -0.95
N GLY D 7 4.20 -16.91 -0.78
CA GLY D 7 5.23 -16.69 -1.78
C GLY D 7 4.98 -17.48 -3.05
N ASN D 8 4.63 -18.76 -2.91
CA ASN D 8 4.38 -19.61 -4.08
C ASN D 8 2.94 -19.58 -4.58
N VAL D 9 2.32 -18.41 -4.54
CA VAL D 9 0.96 -18.25 -5.05
C VAL D 9 0.68 -16.80 -5.34
N VAL D 10 1.54 -15.94 -4.79
CA VAL D 10 1.43 -14.51 -4.99
C VAL D 10 1.20 -14.14 -6.43
N LEU D 11 1.62 -15.01 -7.35
CA LEU D 11 1.46 -14.76 -8.78
C LEU D 11 0.04 -15.00 -9.23
N LEU D 12 -0.49 -16.15 -8.84
CA LEU D 12 -1.85 -16.51 -9.17
C LEU D 12 -2.81 -15.53 -8.49
N ALA D 13 -2.43 -15.06 -7.30
CA ALA D 13 -3.24 -14.09 -6.59
C ALA D 13 -3.24 -12.80 -7.42
N ILE D 14 -2.05 -12.34 -7.76
CA ILE D 14 -1.89 -11.13 -8.55
C ILE D 14 -2.72 -11.18 -9.81
N VAL D 15 -2.43 -12.16 -10.66
CA VAL D 15 -3.17 -12.29 -11.91
C VAL D 15 -4.68 -12.38 -11.62
N THR D 16 -5.03 -13.08 -10.55
CA THR D 16 -6.43 -13.21 -10.17
C THR D 16 -7.04 -11.86 -9.82
N LEU D 17 -6.37 -11.09 -8.97
CA LEU D 17 -6.86 -9.77 -8.55
C LEU D 17 -6.94 -8.86 -9.76
N ILE D 18 -6.11 -9.16 -10.74
CA ILE D 18 -6.08 -8.40 -11.97
C ILE D 18 -7.39 -8.70 -12.68
N SER D 19 -7.58 -9.97 -13.02
CA SER D 19 -8.78 -10.44 -13.68
C SER D 19 -10.03 -10.01 -12.92
N VAL D 20 -9.91 -9.91 -11.59
CA VAL D 20 -11.02 -9.48 -10.74
C VAL D 20 -11.42 -8.03 -11.03
N VAL D 21 -10.42 -7.18 -11.28
CA VAL D 21 -10.69 -5.79 -11.63
C VAL D 21 -11.08 -5.62 -13.08
N GLN D 22 -10.46 -6.38 -13.99
CA GLN D 22 -10.83 -6.34 -15.39
C GLN D 22 -12.29 -6.70 -15.43
N ASN D 23 -12.68 -7.63 -14.57
CA ASN D 23 -14.06 -8.09 -14.48
C ASN D 23 -15.02 -6.97 -14.16
N GLY D 24 -14.74 -6.24 -13.08
CA GLY D 24 -15.56 -5.13 -12.66
C GLY D 24 -15.68 -4.09 -13.76
N PHE D 25 -14.73 -4.09 -14.68
CA PHE D 25 -14.76 -3.15 -15.78
C PHE D 25 -15.81 -3.59 -16.77
N PHE D 26 -15.73 -4.85 -17.19
CA PHE D 26 -16.71 -5.42 -18.11
C PHE D 26 -18.11 -5.14 -17.58
N ALA D 27 -18.26 -5.28 -16.27
CA ALA D 27 -19.54 -5.07 -15.59
C ALA D 27 -19.85 -3.60 -15.43
N HIS D 28 -18.93 -2.77 -15.88
CA HIS D 28 -19.12 -1.34 -15.80
C HIS D 28 -19.57 -0.82 -17.16
N LYS D 29 -18.94 -1.34 -18.21
CA LYS D 29 -19.30 -0.96 -19.56
C LYS D 29 -20.70 -1.51 -19.84
N VAL D 30 -21.22 -2.28 -18.87
CA VAL D 30 -22.57 -2.85 -18.99
C VAL D 30 -23.56 -1.91 -18.31
N GLU D 31 -23.09 -1.13 -17.35
CA GLU D 31 -23.95 -0.18 -16.68
C GLU D 31 -24.17 1.03 -17.55
N HIS D 32 -23.14 1.42 -18.27
CA HIS D 32 -23.21 2.56 -19.16
C HIS D 32 -24.30 2.38 -20.21
N GLU D 33 -24.45 1.15 -20.70
CA GLU D 33 -25.45 0.88 -21.74
C GLU D 33 -26.86 0.62 -21.20
N SER D 34 -26.96 0.28 -19.91
CA SER D 34 -28.26 0.05 -19.29
C SER D 34 -28.79 1.38 -18.79
N ARG D 35 -27.91 2.37 -18.74
CA ARG D 35 -28.29 3.70 -18.28
C ARG D 35 -28.64 4.68 -19.40
N THR D 36 -27.91 4.64 -20.51
CA THR D 36 -28.20 5.49 -21.67
C THR D 36 -29.56 5.07 -22.24
N GLN D 37 -29.95 3.85 -21.87
CA GLN D 37 -31.21 3.23 -22.27
C GLN D 37 -32.27 3.53 -21.21
N ASN D 38 -31.90 4.39 -20.24
CA ASN D 38 -32.80 4.79 -19.17
C ASN D 38 -32.89 3.84 -17.96
N GLY D 39 -33.13 4.44 -16.79
CA GLY D 39 -33.23 3.74 -15.52
C GLY D 39 -34.58 3.09 -15.24
N ARG D 40 -35.01 2.24 -16.17
CA ARG D 40 -36.27 1.49 -16.03
C ARG D 40 -35.85 0.11 -15.50
N SER D 41 -35.03 0.13 -14.46
CA SER D 41 -34.44 -1.07 -13.88
C SER D 41 -33.35 -1.50 -14.87
N PHE D 42 -33.27 -2.80 -15.16
CA PHE D 42 -32.31 -3.26 -16.18
C PHE D 42 -33.15 -3.66 -17.37
N GLN D 43 -32.48 -4.23 -18.37
CA GLN D 43 -33.16 -4.65 -19.58
C GLN D 43 -32.38 -5.83 -20.17
N ARG D 44 -33.06 -6.66 -20.96
CA ARG D 44 -32.42 -7.80 -21.59
C ARG D 44 -32.15 -7.41 -23.05
N THR D 45 -33.17 -6.89 -23.71
CA THR D 45 -33.09 -6.45 -25.11
C THR D 45 -33.07 -4.91 -25.22
N GLY D 46 -32.67 -4.41 -26.39
CA GLY D 46 -32.62 -2.98 -26.63
C GLY D 46 -31.50 -2.56 -27.55
N THR D 47 -30.92 -1.39 -27.26
CA THR D 47 -29.81 -0.82 -28.01
C THR D 47 -28.88 -1.92 -28.45
N LEU D 48 -28.50 -1.89 -29.71
CA LEU D 48 -27.56 -2.85 -30.24
C LEU D 48 -26.18 -2.54 -29.66
N ALA D 49 -26.14 -1.51 -28.82
CA ALA D 49 -24.92 -1.12 -28.12
C ALA D 49 -24.95 -1.78 -26.76
N PHE D 50 -26.14 -1.84 -26.16
CA PHE D 50 -26.35 -2.45 -24.86
C PHE D 50 -26.55 -3.95 -25.01
N GLU D 51 -27.12 -4.35 -26.14
CA GLU D 51 -27.32 -5.77 -26.40
C GLU D 51 -25.97 -6.34 -26.84
N ARG D 52 -25.12 -5.48 -27.40
CA ARG D 52 -23.80 -5.89 -27.85
C ARG D 52 -22.86 -6.06 -26.67
N VAL D 53 -23.06 -5.26 -25.64
CA VAL D 53 -22.22 -5.33 -24.45
C VAL D 53 -22.66 -6.38 -23.46
N TYR D 54 -23.95 -6.43 -23.15
CA TYR D 54 -24.44 -7.41 -22.19
C TYR D 54 -24.04 -8.77 -22.68
N THR D 55 -24.01 -8.89 -24.00
CA THR D 55 -23.65 -10.12 -24.65
C THR D 55 -22.15 -10.43 -24.46
N ALA D 56 -21.30 -9.51 -24.89
CA ALA D 56 -19.85 -9.66 -24.72
C ALA D 56 -19.49 -9.95 -23.27
N ASN D 57 -20.12 -9.25 -22.34
CA ASN D 57 -19.87 -9.44 -20.92
C ASN D 57 -20.31 -10.83 -20.50
N GLN D 58 -21.59 -11.13 -20.65
CA GLN D 58 -22.09 -12.43 -20.26
C GLN D 58 -21.54 -13.56 -21.14
N ASN D 59 -20.36 -13.35 -21.69
CA ASN D 59 -19.67 -14.35 -22.51
C ASN D 59 -18.33 -14.59 -21.84
N CYS D 60 -17.92 -13.57 -21.10
CA CYS D 60 -16.68 -13.58 -20.36
C CYS D 60 -16.97 -14.06 -18.95
N VAL D 61 -18.23 -13.90 -18.56
CA VAL D 61 -18.68 -14.31 -17.24
C VAL D 61 -18.89 -15.83 -17.18
N ASP D 62 -18.96 -16.46 -18.34
CA ASP D 62 -19.11 -17.92 -18.39
C ASP D 62 -17.72 -18.56 -18.45
N ALA D 63 -16.73 -17.78 -18.92
CA ALA D 63 -15.37 -18.24 -19.04
C ALA D 63 -14.54 -18.08 -17.77
N TYR D 64 -14.87 -17.10 -16.94
CA TYR D 64 -14.13 -16.86 -15.69
C TYR D 64 -13.90 -18.12 -14.84
N PRO D 65 -15.00 -18.81 -14.44
CA PRO D 65 -14.86 -20.01 -13.61
C PRO D 65 -13.96 -21.09 -14.24
N THR D 66 -14.33 -21.53 -15.45
CA THR D 66 -13.59 -22.56 -16.18
C THR D 66 -12.15 -22.14 -16.46
N PHE D 67 -11.85 -20.87 -16.29
CA PHE D 67 -10.50 -20.37 -16.55
C PHE D 67 -9.78 -20.39 -15.24
N LEU D 68 -10.41 -19.82 -14.23
CA LEU D 68 -9.87 -19.78 -12.89
C LEU D 68 -9.47 -21.20 -12.48
N ALA D 69 -10.27 -22.17 -12.93
CA ALA D 69 -10.00 -23.57 -12.65
C ALA D 69 -8.56 -23.92 -12.99
N VAL D 70 -8.29 -24.10 -14.29
CA VAL D 70 -6.94 -24.43 -14.76
C VAL D 70 -5.87 -23.41 -14.39
N LEU D 71 -6.26 -22.20 -14.04
CA LEU D 71 -5.31 -21.15 -13.66
C LEU D 71 -4.60 -21.58 -12.40
N TRP D 72 -5.34 -22.19 -11.51
CA TRP D 72 -4.75 -22.63 -10.27
C TRP D 72 -4.32 -24.08 -10.28
N SER D 73 -5.16 -24.97 -10.81
CA SER D 73 -4.79 -26.39 -10.87
C SER D 73 -3.45 -26.50 -11.59
N ALA D 74 -3.24 -25.61 -12.55
CA ALA D 74 -2.00 -25.57 -13.30
C ALA D 74 -0.99 -24.69 -12.57
N GLY D 75 -1.42 -24.09 -11.46
CA GLY D 75 -0.59 -23.21 -10.67
C GLY D 75 0.00 -23.93 -9.46
N LEU D 76 -0.76 -24.88 -8.93
CA LEU D 76 -0.30 -25.66 -7.78
C LEU D 76 0.26 -26.96 -8.30
N LEU D 77 -0.57 -27.68 -9.04
CA LEU D 77 -0.18 -28.96 -9.61
C LEU D 77 0.97 -28.85 -10.61
N CYS D 78 1.55 -27.66 -10.71
CA CYS D 78 2.67 -27.43 -11.61
C CYS D 78 3.02 -25.96 -11.76
N SER D 79 4.30 -25.65 -11.61
CA SER D 79 4.85 -24.30 -11.78
C SER D 79 3.92 -23.11 -11.58
N GLN D 80 4.18 -22.32 -10.53
CA GLN D 80 3.38 -21.14 -10.24
C GLN D 80 3.69 -19.99 -11.18
N VAL D 81 4.75 -20.09 -11.96
CA VAL D 81 5.09 -19.00 -12.89
C VAL D 81 4.46 -19.09 -14.26
N PRO D 82 4.61 -20.24 -14.95
CA PRO D 82 3.99 -20.36 -16.26
C PRO D 82 2.48 -20.21 -16.12
N ALA D 83 1.94 -20.92 -15.13
CA ALA D 83 0.51 -20.89 -14.85
C ALA D 83 0.07 -19.45 -14.75
N ALA D 84 0.82 -18.69 -13.96
CA ALA D 84 0.53 -17.28 -13.73
C ALA D 84 0.70 -16.40 -14.98
N PHE D 85 1.66 -16.72 -15.84
CA PHE D 85 1.82 -15.91 -17.03
C PHE D 85 0.69 -16.23 -17.99
N ALA D 86 0.54 -17.50 -18.31
CA ALA D 86 -0.49 -17.96 -19.23
C ALA D 86 -1.80 -17.34 -18.83
N GLY D 87 -2.06 -17.35 -17.53
CA GLY D 87 -3.27 -16.77 -16.98
C GLY D 87 -3.28 -15.29 -17.24
N LEU D 88 -2.09 -14.71 -17.41
CA LEU D 88 -1.96 -13.28 -17.68
C LEU D 88 -2.37 -12.97 -19.12
N MET D 89 -1.96 -13.82 -20.06
CA MET D 89 -2.32 -13.65 -21.46
C MET D 89 -3.83 -13.70 -21.61
N TYR D 90 -4.43 -14.66 -20.91
CA TYR D 90 -5.86 -14.86 -20.94
C TYR D 90 -6.58 -13.56 -20.62
N LEU D 91 -5.99 -12.75 -19.75
CA LEU D 91 -6.60 -11.48 -19.39
C LEU D 91 -6.40 -10.48 -20.52
N PHE D 92 -5.47 -10.79 -21.42
CA PHE D 92 -5.17 -9.97 -22.58
C PHE D 92 -6.13 -10.30 -23.70
N VAL D 93 -6.38 -11.58 -23.90
CA VAL D 93 -7.33 -12.01 -24.91
C VAL D 93 -8.73 -11.58 -24.50
N ARG D 94 -9.04 -11.70 -23.22
CA ARG D 94 -10.33 -11.30 -22.68
C ARG D 94 -10.56 -9.84 -22.99
N GLN D 95 -9.50 -9.05 -22.87
CA GLN D 95 -9.58 -7.63 -23.19
C GLN D 95 -9.87 -7.45 -24.67
N LYS D 96 -9.07 -8.10 -25.50
CA LYS D 96 -9.20 -7.96 -26.94
C LYS D 96 -10.42 -8.63 -27.53
N TYR D 97 -11.05 -9.49 -26.75
CA TYR D 97 -12.26 -10.13 -27.21
C TYR D 97 -13.46 -9.31 -26.76
N PHE D 98 -13.44 -8.88 -25.51
CA PHE D 98 -14.52 -8.05 -24.95
C PHE D 98 -14.49 -6.67 -25.58
N VAL D 99 -13.42 -6.40 -26.32
CA VAL D 99 -13.23 -5.12 -26.98
C VAL D 99 -13.87 -5.14 -28.37
N GLY D 100 -13.40 -6.05 -29.20
CA GLY D 100 -13.90 -6.20 -30.55
C GLY D 100 -15.37 -6.54 -30.58
N TYR D 101 -15.86 -7.09 -29.47
CA TYR D 101 -17.27 -7.46 -29.33
C TYR D 101 -18.09 -6.22 -29.04
N LEU D 102 -17.72 -5.12 -29.70
CA LEU D 102 -18.41 -3.86 -29.54
C LEU D 102 -18.45 -3.12 -30.87
N GLY D 103 -17.28 -2.83 -31.44
CA GLY D 103 -17.15 -2.13 -32.70
C GLY D 103 -18.08 -0.93 -32.85
N GLU D 104 -19.32 -1.19 -33.26
CA GLU D 104 -20.32 -0.15 -33.48
C GLU D 104 -21.48 -0.78 -34.26
N ARG D 105 -21.24 -1.02 -35.55
CA ARG D 105 -22.21 -1.63 -36.45
C ARG D 105 -21.44 -2.42 -37.49
N THR D 106 -20.21 -2.79 -37.14
CA THR D 106 -19.35 -3.56 -38.02
C THR D 106 -20.05 -4.79 -38.55
N GLN D 107 -21.02 -5.30 -37.78
CA GLN D 107 -21.77 -6.50 -38.12
C GLN D 107 -20.96 -7.78 -37.83
N SER D 108 -19.65 -7.62 -37.62
CA SER D 108 -18.75 -8.73 -37.34
C SER D 108 -18.47 -8.93 -35.84
N THR D 109 -17.34 -9.55 -35.53
CA THR D 109 -16.92 -9.83 -34.15
C THR D 109 -17.50 -11.10 -33.54
N PRO D 110 -16.82 -12.25 -33.76
CA PRO D 110 -17.32 -13.51 -33.21
C PRO D 110 -17.01 -13.61 -31.72
N GLY D 111 -17.80 -14.41 -31.02
CA GLY D 111 -17.66 -14.60 -29.59
C GLY D 111 -17.78 -16.04 -29.14
N TYR D 112 -18.08 -16.21 -27.86
CA TYR D 112 -18.20 -17.53 -27.25
C TYR D 112 -16.97 -18.41 -27.42
N ILE D 113 -16.17 -18.12 -28.43
CA ILE D 113 -14.94 -18.86 -28.67
C ILE D 113 -14.03 -18.59 -27.48
N PHE D 114 -13.04 -17.72 -27.70
CA PHE D 114 -12.03 -17.31 -26.72
C PHE D 114 -10.61 -17.79 -26.98
N GLY D 115 -9.81 -17.78 -25.91
CA GLY D 115 -8.42 -18.21 -25.89
C GLY D 115 -8.29 -19.69 -25.60
N LYS D 116 -8.95 -20.47 -26.44
CA LYS D 116 -8.93 -21.92 -26.40
C LYS D 116 -7.61 -22.48 -25.94
N ARG D 117 -6.56 -22.03 -26.63
CA ARG D 117 -5.23 -22.52 -26.36
C ARG D 117 -4.71 -22.23 -24.96
N ILE D 118 -5.02 -21.05 -24.42
CA ILE D 118 -4.58 -20.73 -23.07
C ILE D 118 -5.06 -21.78 -22.07
N ILE D 119 -6.38 -21.85 -21.90
CA ILE D 119 -7.00 -22.79 -20.97
C ILE D 119 -6.56 -24.22 -21.28
N LEU D 120 -6.47 -24.50 -22.58
CA LEU D 120 -6.04 -25.81 -23.00
C LEU D 120 -4.68 -26.09 -22.40
N PHE D 121 -3.75 -25.18 -22.63
CA PHE D 121 -2.40 -25.31 -22.09
C PHE D 121 -2.39 -25.36 -20.57
N LEU D 122 -3.03 -24.39 -19.94
CA LEU D 122 -3.09 -24.36 -18.49
C LEU D 122 -3.61 -25.73 -18.03
N PHE D 123 -4.60 -26.25 -18.74
CA PHE D 123 -5.17 -27.55 -18.41
C PHE D 123 -4.14 -28.67 -18.55
N LEU D 124 -3.10 -28.44 -19.33
CA LEU D 124 -2.07 -29.45 -19.54
C LEU D 124 -1.00 -29.40 -18.48
N MET D 125 -0.91 -28.27 -17.77
CA MET D 125 0.05 -28.16 -16.68
C MET D 125 -0.59 -28.88 -15.50
N SER D 126 -1.90 -28.70 -15.34
CA SER D 126 -2.64 -29.35 -14.27
C SER D 126 -2.68 -30.86 -14.51
N VAL D 127 -2.93 -31.26 -15.75
CA VAL D 127 -2.95 -32.68 -16.12
C VAL D 127 -1.55 -33.22 -16.05
N ALA D 128 -0.57 -32.32 -16.07
CA ALA D 128 0.83 -32.71 -16.00
C ALA D 128 1.18 -33.16 -14.59
N GLY D 129 1.27 -32.20 -13.69
CA GLY D 129 1.58 -32.51 -12.30
C GLY D 129 0.68 -33.59 -11.75
N ILE D 130 -0.60 -33.52 -12.07
CA ILE D 130 -1.56 -34.49 -11.58
C ILE D 130 -1.10 -35.91 -11.85
N PHE D 131 -0.49 -36.11 -13.01
CA PHE D 131 0.04 -37.42 -13.37
C PHE D 131 1.41 -37.57 -12.71
N ASN D 132 2.33 -36.66 -13.03
CA ASN D 132 3.68 -36.70 -12.51
C ASN D 132 3.71 -37.02 -11.03
N TYR D 133 2.64 -36.63 -10.34
CA TYR D 133 2.55 -36.89 -8.92
C TYR D 133 2.34 -38.36 -8.64
N TYR D 134 1.51 -38.99 -9.46
CA TYR D 134 1.28 -40.42 -9.29
C TYR D 134 2.57 -41.20 -9.47
N LEU D 135 3.53 -40.57 -10.15
CA LEU D 135 4.86 -41.12 -10.36
C LEU D 135 5.58 -41.11 -9.04
N ILE D 136 5.81 -39.90 -8.54
CA ILE D 136 6.49 -39.69 -7.27
C ILE D 136 5.85 -40.53 -6.15
N PHE D 137 4.58 -40.86 -6.33
CA PHE D 137 3.86 -41.69 -5.37
C PHE D 137 4.31 -43.14 -5.50
N PHE D 138 4.75 -43.55 -6.69
CA PHE D 138 5.24 -44.91 -6.90
C PHE D 138 6.74 -44.95 -7.03
N PHE D 139 7.26 -44.28 -8.05
CA PHE D 139 8.70 -44.26 -8.27
C PHE D 139 9.33 -43.02 -7.66
N GLY D 140 8.58 -42.35 -6.80
CA GLY D 140 9.09 -41.20 -6.08
C GLY D 140 10.06 -41.81 -5.10
N SER D 141 9.59 -42.87 -4.44
CA SER D 141 10.41 -43.66 -3.52
C SER D 141 11.13 -44.65 -4.43
N ASP D 142 11.89 -45.57 -3.86
CA ASP D 142 12.58 -46.58 -4.67
C ASP D 142 13.57 -45.99 -5.67
N PHE D 143 13.30 -44.75 -6.09
CA PHE D 143 14.17 -44.01 -7.00
C PHE D 143 15.64 -44.13 -6.62
N GLU D 144 15.91 -44.63 -5.41
CA GLU D 144 17.28 -44.83 -4.93
C GLU D 144 17.58 -46.31 -4.64
N ASN D 145 17.74 -47.08 -5.72
CA ASN D 145 18.07 -48.50 -5.65
C ASN D 145 19.53 -48.62 -5.21
N TYR D 146 20.06 -47.53 -4.67
CA TYR D 146 21.42 -47.47 -4.18
C TYR D 146 21.55 -48.48 -3.04
N ILE D 147 21.48 -49.76 -3.39
CA ILE D 147 21.58 -50.83 -2.39
C ILE D 147 22.84 -51.68 -2.61
N MET E 1 4.46 -28.00 -5.05
CA MET E 1 3.47 -28.36 -4.03
C MET E 1 3.85 -29.62 -3.26
N ASP E 2 3.71 -29.58 -1.92
CA ASP E 2 4.09 -30.71 -1.05
C ASP E 2 3.39 -32.01 -1.40
N GLN E 3 4.16 -32.96 -1.92
CA GLN E 3 3.62 -34.25 -2.34
C GLN E 3 2.57 -34.85 -1.42
N GLU E 4 2.71 -34.60 -0.12
CA GLU E 4 1.74 -35.11 0.84
C GLU E 4 0.37 -34.55 0.48
N THR E 5 0.27 -33.22 0.59
CA THR E 5 -0.95 -32.47 0.33
C THR E 5 -1.56 -32.77 -1.00
N VAL E 6 -0.76 -32.62 -2.05
CA VAL E 6 -1.19 -32.89 -3.40
C VAL E 6 -1.98 -34.20 -3.41
N GLY E 7 -1.55 -35.11 -2.55
CA GLY E 7 -2.18 -36.41 -2.40
C GLY E 7 -3.64 -36.31 -1.97
N ASN E 8 -3.87 -35.56 -0.90
CA ASN E 8 -5.23 -35.41 -0.35
C ASN E 8 -6.08 -34.36 -1.07
N VAL E 9 -5.96 -34.29 -2.39
CA VAL E 9 -6.74 -33.35 -3.16
C VAL E 9 -6.70 -33.72 -4.62
N VAL E 10 -5.78 -34.61 -4.96
CA VAL E 10 -5.65 -35.10 -6.32
C VAL E 10 -7.00 -35.54 -6.91
N LEU E 11 -7.92 -35.92 -6.04
CA LEU E 11 -9.25 -36.35 -6.45
C LEU E 11 -10.12 -35.18 -6.87
N LEU E 12 -10.17 -34.18 -6.01
CA LEU E 12 -10.94 -32.98 -6.29
C LEU E 12 -10.36 -32.26 -7.50
N ALA E 13 -9.06 -32.40 -7.69
CA ALA E 13 -8.39 -31.79 -8.84
C ALA E 13 -8.83 -32.56 -10.09
N ILE E 14 -8.78 -33.88 -10.00
CA ILE E 14 -9.18 -34.73 -11.11
C ILE E 14 -10.62 -34.45 -11.56
N VAL E 15 -11.56 -34.65 -10.64
CA VAL E 15 -12.98 -34.37 -10.92
C VAL E 15 -13.11 -32.97 -11.52
N THR E 16 -12.41 -32.03 -10.91
CA THR E 16 -12.45 -30.64 -11.35
C THR E 16 -11.94 -30.49 -12.78
N LEU E 17 -10.78 -31.04 -13.08
CA LEU E 17 -10.24 -30.97 -14.43
C LEU E 17 -11.15 -31.69 -15.40
N ILE E 18 -11.94 -32.62 -14.87
CA ILE E 18 -12.92 -33.37 -15.66
C ILE E 18 -14.00 -32.39 -16.05
N SER E 19 -14.68 -31.88 -15.04
CA SER E 19 -15.74 -30.90 -15.23
C SER E 19 -15.25 -29.70 -16.04
N VAL E 20 -13.95 -29.42 -15.96
CA VAL E 20 -13.34 -28.30 -16.70
C VAL E 20 -13.43 -28.59 -18.18
N VAL E 21 -13.19 -29.84 -18.55
CA VAL E 21 -13.22 -30.27 -19.94
C VAL E 21 -14.64 -30.53 -20.42
N GLN E 22 -15.49 -31.03 -19.53
CA GLN E 22 -16.89 -31.23 -19.89
C GLN E 22 -17.46 -29.83 -20.17
N ASN E 23 -17.02 -28.85 -19.39
CA ASN E 23 -17.47 -27.48 -19.57
C ASN E 23 -17.14 -26.94 -20.95
N GLY E 24 -15.91 -27.15 -21.39
CA GLY E 24 -15.46 -26.71 -22.69
C GLY E 24 -16.27 -27.37 -23.79
N PHE E 25 -16.89 -28.49 -23.45
CA PHE E 25 -17.72 -29.22 -24.38
C PHE E 25 -19.01 -28.46 -24.61
N PHE E 26 -19.71 -28.21 -23.50
CA PHE E 26 -20.96 -27.47 -23.51
C PHE E 26 -20.77 -26.20 -24.32
N ALA E 27 -19.64 -25.54 -24.07
CA ALA E 27 -19.32 -24.29 -24.75
C ALA E 27 -18.86 -24.53 -26.18
N HIS E 28 -18.84 -25.80 -26.59
CA HIS E 28 -18.49 -26.12 -27.97
C HIS E 28 -19.77 -26.38 -28.75
N LYS E 29 -20.69 -27.07 -28.10
CA LYS E 29 -21.97 -27.37 -28.70
C LYS E 29 -22.76 -26.08 -28.87
N VAL E 30 -22.25 -25.00 -28.28
CA VAL E 30 -22.90 -23.71 -28.42
C VAL E 30 -22.25 -22.96 -29.57
N GLU E 31 -21.04 -23.36 -29.94
CA GLU E 31 -20.36 -22.72 -31.06
C GLU E 31 -20.96 -23.27 -32.35
N HIS E 32 -21.30 -24.56 -32.31
CA HIS E 32 -21.88 -25.16 -33.48
C HIS E 32 -23.22 -24.56 -33.88
N GLU E 33 -24.02 -24.17 -32.88
CA GLU E 33 -25.32 -23.58 -33.15
C GLU E 33 -25.27 -22.11 -33.51
N SER E 34 -24.19 -21.43 -33.15
CA SER E 34 -24.06 -20.02 -33.51
C SER E 34 -23.34 -19.92 -34.83
N ARG E 35 -22.85 -21.07 -35.31
CA ARG E 35 -22.16 -21.17 -36.58
C ARG E 35 -23.12 -21.51 -37.72
N THR E 36 -23.97 -22.50 -37.49
CA THR E 36 -24.97 -22.91 -38.49
C THR E 36 -25.95 -21.78 -38.81
N GLN E 37 -25.98 -20.76 -37.96
CA GLN E 37 -26.84 -19.60 -38.17
C GLN E 37 -26.22 -18.75 -39.28
N ASN E 38 -24.89 -18.59 -39.21
CA ASN E 38 -24.12 -17.86 -40.22
C ASN E 38 -24.26 -16.34 -40.08
N GLY E 39 -24.11 -15.82 -38.86
CA GLY E 39 -24.26 -14.40 -38.64
C GLY E 39 -23.06 -13.65 -38.08
N ARG E 40 -21.88 -14.26 -38.18
CA ARG E 40 -20.64 -13.66 -37.70
C ARG E 40 -20.67 -13.26 -36.22
N SER E 41 -21.73 -12.59 -35.79
CA SER E 41 -21.88 -12.18 -34.39
C SER E 41 -22.89 -13.08 -33.69
N PHE E 42 -22.72 -13.29 -32.40
CA PHE E 42 -23.63 -14.13 -31.62
C PHE E 42 -24.61 -13.21 -30.92
N GLN E 43 -25.62 -13.79 -30.30
CA GLN E 43 -26.59 -13.05 -29.53
C GLN E 43 -27.53 -14.03 -28.87
N ARG E 44 -27.97 -13.70 -27.67
CA ARG E 44 -28.86 -14.58 -26.92
C ARG E 44 -30.19 -14.79 -27.62
N THR E 45 -30.13 -15.06 -28.93
CA THR E 45 -31.33 -15.26 -29.76
C THR E 45 -31.00 -16.11 -30.99
N GLY E 46 -32.01 -16.73 -31.60
CA GLY E 46 -31.80 -17.53 -32.79
C GLY E 46 -32.71 -18.73 -32.93
N THR E 47 -32.32 -19.69 -33.77
CA THR E 47 -33.10 -20.90 -33.99
C THR E 47 -33.39 -21.61 -32.66
N LEU E 48 -34.35 -22.52 -32.67
CA LEU E 48 -34.69 -23.27 -31.46
C LEU E 48 -33.67 -24.35 -31.13
N ALA E 49 -32.66 -24.50 -31.98
CA ALA E 49 -31.59 -25.47 -31.74
C ALA E 49 -30.47 -24.72 -31.03
N PHE E 50 -30.27 -23.47 -31.42
CA PHE E 50 -29.25 -22.60 -30.86
C PHE E 50 -29.79 -21.92 -29.59
N GLU E 51 -31.09 -21.69 -29.57
CA GLU E 51 -31.71 -21.10 -28.40
C GLU E 51 -31.87 -22.18 -27.36
N ARG E 52 -31.94 -23.42 -27.83
CA ARG E 52 -32.09 -24.57 -26.94
C ARG E 52 -30.77 -24.92 -26.28
N VAL E 53 -29.69 -24.70 -27.02
CA VAL E 53 -28.33 -25.01 -26.56
C VAL E 53 -27.73 -23.92 -25.67
N TYR E 54 -27.79 -22.66 -26.14
CA TYR E 54 -27.25 -21.57 -25.35
C TYR E 54 -27.99 -21.48 -24.02
N THR E 55 -29.20 -22.02 -23.98
CA THR E 55 -29.99 -22.04 -22.75
C THR E 55 -29.45 -23.10 -21.81
N ALA E 56 -29.49 -24.35 -22.25
CA ALA E 56 -29.01 -25.46 -21.43
C ALA E 56 -27.59 -25.19 -20.94
N ASN E 57 -26.78 -24.58 -21.78
CA ASN E 57 -25.42 -24.23 -21.41
C ASN E 57 -25.41 -23.17 -20.31
N GLN E 58 -26.02 -22.02 -20.59
CA GLN E 58 -26.08 -20.94 -19.59
C GLN E 58 -26.99 -21.30 -18.43
N ASN E 59 -27.11 -22.60 -18.20
CA ASN E 59 -27.90 -23.13 -17.10
C ASN E 59 -26.95 -23.95 -16.24
N CYS E 60 -25.90 -24.43 -16.89
CA CYS E 60 -24.88 -25.23 -16.24
C CYS E 60 -23.75 -24.31 -15.82
N VAL E 61 -23.63 -23.19 -16.52
CA VAL E 61 -22.61 -22.23 -16.18
C VAL E 61 -23.02 -21.43 -14.94
N ASP E 62 -24.27 -21.57 -14.57
CA ASP E 62 -24.80 -20.90 -13.39
C ASP E 62 -24.59 -21.83 -12.20
N ALA E 63 -24.47 -23.13 -12.49
CA ALA E 63 -24.29 -24.14 -11.45
C ALA E 63 -22.83 -24.47 -11.13
N TYR E 64 -21.95 -24.27 -12.10
CA TYR E 64 -20.54 -24.55 -11.90
C TYR E 64 -19.99 -24.01 -10.59
N PRO E 65 -20.08 -22.68 -10.37
CA PRO E 65 -19.57 -22.03 -9.15
C PRO E 65 -20.12 -22.62 -7.86
N THR E 66 -21.44 -22.53 -7.68
CA THR E 66 -22.11 -23.02 -6.47
C THR E 66 -21.92 -24.52 -6.26
N PHE E 67 -21.37 -25.20 -7.26
CA PHE E 67 -21.13 -26.62 -7.14
C PHE E 67 -19.69 -26.82 -6.70
N LEU E 68 -18.78 -26.17 -7.42
CA LEU E 68 -17.37 -26.26 -7.11
C LEU E 68 -17.19 -25.87 -5.67
N ALA E 69 -18.05 -24.98 -5.19
CA ALA E 69 -18.01 -24.55 -3.82
C ALA E 69 -18.05 -25.78 -2.91
N VAL E 70 -19.24 -26.36 -2.78
CA VAL E 70 -19.45 -27.54 -1.97
C VAL E 70 -18.52 -28.71 -2.31
N LEU E 71 -18.04 -28.76 -3.56
CA LEU E 71 -17.15 -29.85 -3.99
C LEU E 71 -15.87 -29.87 -3.17
N TRP E 72 -15.37 -28.69 -2.87
CA TRP E 72 -14.15 -28.60 -2.10
C TRP E 72 -14.40 -28.41 -0.63
N SER E 73 -15.33 -27.53 -0.28
CA SER E 73 -15.66 -27.32 1.12
C SER E 73 -15.95 -28.69 1.74
N ALA E 74 -16.60 -29.54 0.96
CA ALA E 74 -16.92 -30.88 1.38
C ALA E 74 -15.75 -31.81 1.12
N GLY E 75 -14.70 -31.30 0.51
CA GLY E 75 -13.53 -32.12 0.20
C GLY E 75 -12.41 -31.92 1.21
N LEU E 76 -12.33 -30.72 1.76
CA LEU E 76 -11.30 -30.42 2.75
C LEU E 76 -11.94 -30.59 4.11
N LEU E 77 -13.03 -29.85 4.32
CA LEU E 77 -13.73 -29.89 5.59
C LEU E 77 -14.31 -31.26 5.87
N CYS E 78 -13.97 -32.24 5.05
CA CYS E 78 -14.52 -33.57 5.22
C CYS E 78 -14.16 -34.48 4.05
N SER E 79 -13.61 -35.67 4.35
CA SER E 79 -13.21 -36.69 3.37
C SER E 79 -13.08 -36.32 1.89
N GLN E 80 -11.86 -36.43 1.39
CA GLN E 80 -11.57 -36.09 0.00
C GLN E 80 -12.10 -37.11 -0.98
N VAL E 81 -12.58 -38.24 -0.46
CA VAL E 81 -13.06 -39.29 -1.35
C VAL E 81 -14.54 -39.18 -1.69
N PRO E 82 -15.40 -39.14 -0.68
CA PRO E 82 -16.84 -39.04 -0.98
C PRO E 82 -17.11 -37.74 -1.71
N ALA E 83 -16.46 -36.67 -1.22
CA ALA E 83 -16.58 -35.35 -1.83
C ALA E 83 -16.27 -35.46 -3.31
N ALA E 84 -15.15 -36.12 -3.63
CA ALA E 84 -14.70 -36.29 -5.01
C ALA E 84 -15.61 -37.18 -5.85
N PHE E 85 -16.23 -38.16 -5.21
CA PHE E 85 -17.13 -39.03 -5.95
C PHE E 85 -18.45 -38.30 -6.25
N ALA E 86 -19.08 -37.82 -5.19
CA ALA E 86 -20.33 -37.08 -5.29
C ALA E 86 -20.19 -36.04 -6.40
N GLY E 87 -19.03 -35.38 -6.41
CA GLY E 87 -18.73 -34.37 -7.40
C GLY E 87 -18.63 -35.00 -8.77
N LEU E 88 -18.32 -36.30 -8.80
CA LEU E 88 -18.20 -37.01 -10.06
C LEU E 88 -19.57 -37.29 -10.65
N MET E 89 -20.52 -37.62 -9.77
CA MET E 89 -21.90 -37.89 -10.18
C MET E 89 -22.48 -36.63 -10.77
N TYR E 90 -22.20 -35.52 -10.11
CA TYR E 90 -22.67 -34.23 -10.53
C TYR E 90 -22.27 -34.02 -11.98
N LEU E 91 -21.12 -34.56 -12.36
CA LEU E 91 -20.64 -34.42 -13.74
C LEU E 91 -21.42 -35.34 -14.68
N PHE E 92 -22.10 -36.32 -14.08
CA PHE E 92 -22.93 -37.25 -14.84
C PHE E 92 -24.29 -36.62 -15.06
N VAL E 93 -24.88 -36.09 -14.00
CA VAL E 93 -26.18 -35.44 -14.10
C VAL E 93 -26.09 -34.25 -15.05
N ARG E 94 -24.98 -33.53 -14.98
CA ARG E 94 -24.73 -32.37 -15.84
C ARG E 94 -24.75 -32.83 -17.28
N GLN E 95 -24.15 -34.00 -17.53
CA GLN E 95 -24.13 -34.54 -18.87
C GLN E 95 -25.55 -34.91 -19.30
N LYS E 96 -26.25 -35.61 -18.42
CA LYS E 96 -27.62 -36.07 -18.66
C LYS E 96 -28.65 -34.94 -18.73
N TYR E 97 -28.34 -33.81 -18.11
CA TYR E 97 -29.24 -32.65 -18.12
C TYR E 97 -29.01 -31.79 -19.35
N PHE E 98 -27.75 -31.46 -19.62
CA PHE E 98 -27.42 -30.66 -20.79
C PHE E 98 -27.61 -31.49 -22.05
N VAL E 99 -27.92 -32.76 -21.86
CA VAL E 99 -28.15 -33.66 -22.98
C VAL E 99 -29.61 -33.60 -23.39
N GLY E 100 -30.49 -33.88 -22.43
CA GLY E 100 -31.92 -33.88 -22.65
C GLY E 100 -32.46 -32.51 -23.02
N TYR E 101 -31.73 -31.47 -22.64
CA TYR E 101 -32.15 -30.12 -22.97
C TYR E 101 -31.57 -29.72 -24.31
N LEU E 102 -31.31 -30.69 -25.17
CA LEU E 102 -30.71 -30.38 -26.47
C LEU E 102 -31.30 -31.21 -27.60
N GLY E 103 -31.39 -32.53 -27.38
CA GLY E 103 -32.00 -33.42 -28.36
C GLY E 103 -33.38 -32.85 -28.62
N GLU E 104 -33.90 -32.21 -27.58
CA GLU E 104 -35.17 -31.51 -27.63
C GLU E 104 -36.46 -32.29 -27.79
N ARG E 105 -37.24 -32.32 -26.70
CA ARG E 105 -38.55 -32.95 -26.69
C ARG E 105 -39.46 -31.94 -27.37
N THR E 106 -38.86 -31.09 -28.22
CA THR E 106 -39.55 -30.01 -28.91
C THR E 106 -39.96 -28.96 -27.87
N GLN E 107 -40.65 -29.40 -26.82
CA GLN E 107 -41.03 -28.51 -25.72
C GLN E 107 -40.89 -29.18 -24.35
N SER E 108 -39.93 -28.70 -23.57
CA SER E 108 -39.67 -29.23 -22.23
C SER E 108 -39.20 -28.12 -21.29
N THR E 109 -39.45 -28.31 -19.99
CA THR E 109 -39.02 -27.35 -18.98
C THR E 109 -38.35 -28.00 -17.76
N PRO E 110 -37.16 -28.60 -17.96
CA PRO E 110 -36.37 -29.18 -16.89
C PRO E 110 -35.38 -28.08 -16.49
N GLY E 111 -35.21 -27.13 -17.41
CA GLY E 111 -34.33 -25.99 -17.29
C GLY E 111 -34.08 -25.51 -15.88
N TYR E 112 -32.83 -25.15 -15.63
CA TYR E 112 -32.41 -24.66 -14.33
C TYR E 112 -32.56 -25.74 -13.26
N ILE E 113 -31.58 -25.78 -12.36
CA ILE E 113 -31.55 -26.74 -11.26
C ILE E 113 -31.34 -28.16 -11.74
N PHE E 114 -30.26 -28.79 -11.27
CA PHE E 114 -30.01 -30.19 -11.58
C PHE E 114 -30.12 -30.95 -10.26
N GLY E 115 -29.11 -31.78 -10.07
CA GLY E 115 -28.90 -32.64 -8.93
C GLY E 115 -28.85 -31.94 -7.61
N LYS E 116 -29.98 -31.33 -7.25
CA LYS E 116 -30.12 -30.66 -5.97
C LYS E 116 -29.60 -31.54 -4.84
N ARG E 117 -29.77 -32.85 -5.01
CA ARG E 117 -29.32 -33.82 -4.02
C ARG E 117 -27.81 -33.81 -3.85
N ILE E 118 -27.08 -33.85 -4.96
CA ILE E 118 -25.62 -33.84 -4.92
C ILE E 118 -25.09 -32.70 -4.08
N ILE E 119 -25.26 -31.48 -4.58
CA ILE E 119 -24.77 -30.30 -3.92
C ILE E 119 -25.31 -30.22 -2.51
N LEU E 120 -26.54 -30.68 -2.35
CA LEU E 120 -27.13 -30.68 -1.03
C LEU E 120 -26.23 -31.53 -0.15
N PHE E 121 -25.97 -32.76 -0.58
CA PHE E 121 -25.12 -33.70 0.15
C PHE E 121 -23.73 -33.12 0.39
N LEU E 122 -23.08 -32.71 -0.69
CA LEU E 122 -21.74 -32.14 -0.59
C LEU E 122 -21.77 -31.04 0.46
N PHE E 123 -22.84 -30.26 0.44
CA PHE E 123 -23.03 -29.16 1.39
C PHE E 123 -23.07 -29.70 2.81
N LEU E 124 -23.53 -30.93 2.95
CA LEU E 124 -23.65 -31.53 4.26
C LEU E 124 -22.33 -32.10 4.79
N MET E 125 -21.39 -32.34 3.89
CA MET E 125 -20.08 -32.81 4.29
C MET E 125 -19.33 -31.59 4.79
N SER E 126 -19.50 -30.49 4.07
CA SER E 126 -18.87 -29.21 4.41
C SER E 126 -19.44 -28.70 5.71
N VAL E 127 -20.75 -28.79 5.84
CA VAL E 127 -21.47 -28.37 7.04
C VAL E 127 -21.10 -29.32 8.18
N ALA E 128 -20.61 -30.50 7.79
CA ALA E 128 -20.20 -31.56 8.71
C ALA E 128 -18.93 -31.17 9.45
N GLY E 129 -17.81 -31.32 8.77
CA GLY E 129 -16.52 -30.99 9.35
C GLY E 129 -16.53 -29.61 9.97
N ILE E 130 -17.17 -28.68 9.28
CA ILE E 130 -17.25 -27.30 9.73
C ILE E 130 -17.65 -27.23 11.20
N PHE E 131 -18.62 -28.05 11.56
CA PHE E 131 -19.06 -28.04 12.95
C PHE E 131 -18.18 -28.97 13.78
N ASN E 132 -17.98 -30.18 13.28
CA ASN E 132 -17.17 -31.18 13.96
C ASN E 132 -15.84 -30.59 14.38
N TYR E 133 -15.38 -29.61 13.62
CA TYR E 133 -14.11 -28.96 13.92
C TYR E 133 -14.29 -28.16 15.20
N TYR E 134 -15.44 -27.51 15.31
CA TYR E 134 -15.75 -26.68 16.45
C TYR E 134 -15.68 -27.49 17.75
N LEU E 135 -15.90 -28.79 17.62
CA LEU E 135 -15.85 -29.69 18.76
C LEU E 135 -14.39 -30.02 19.09
N ILE E 136 -13.64 -30.43 18.08
CA ILE E 136 -12.23 -30.73 18.24
C ILE E 136 -11.50 -29.53 18.85
N PHE E 137 -12.02 -28.33 18.61
CA PHE E 137 -11.42 -27.12 19.18
C PHE E 137 -11.94 -26.92 20.59
N PHE E 138 -13.24 -27.20 20.74
CA PHE E 138 -13.95 -27.03 21.99
C PHE E 138 -13.65 -28.12 23.00
N PHE E 139 -13.85 -29.38 22.60
CA PHE E 139 -13.66 -30.54 23.48
C PHE E 139 -13.00 -31.75 22.81
N GLY E 140 -11.70 -31.87 23.01
CA GLY E 140 -10.90 -32.96 22.48
C GLY E 140 -9.42 -32.73 22.69
N MET F 1 -8.14 -32.73 6.93
CA MET F 1 -7.55 -31.39 6.94
C MET F 1 -6.99 -30.98 8.31
N ASP F 2 -5.78 -30.40 8.29
CA ASP F 2 -5.08 -29.96 9.49
C ASP F 2 -5.89 -29.01 10.38
N GLN F 3 -6.36 -29.52 11.51
CA GLN F 3 -7.18 -28.75 12.44
C GLN F 3 -6.75 -27.30 12.64
N GLU F 4 -5.45 -27.04 12.67
CA GLU F 4 -4.99 -25.68 12.85
C GLU F 4 -5.56 -24.84 11.72
N THR F 5 -5.17 -25.22 10.51
CA THR F 5 -5.55 -24.53 9.27
C THR F 5 -7.05 -24.38 9.10
N VAL F 6 -7.78 -25.48 9.28
CA VAL F 6 -9.24 -25.50 9.19
C VAL F 6 -9.72 -24.33 10.02
N GLY F 7 -9.02 -24.08 11.12
CA GLY F 7 -9.34 -23.02 12.04
C GLY F 7 -9.31 -21.65 11.39
N ASN F 8 -8.23 -21.36 10.65
CA ASN F 8 -8.07 -20.06 10.00
C ASN F 8 -8.71 -19.95 8.59
N VAL F 9 -9.88 -20.54 8.43
CA VAL F 9 -10.60 -20.53 7.16
C VAL F 9 -12.08 -20.77 7.42
N VAL F 10 -12.35 -21.43 8.55
CA VAL F 10 -13.70 -21.78 8.95
C VAL F 10 -14.71 -20.68 8.71
N LEU F 11 -14.24 -19.43 8.77
CA LEU F 11 -15.12 -18.28 8.57
C LEU F 11 -15.44 -18.06 7.11
N LEU F 12 -14.43 -18.22 6.26
CA LEU F 12 -14.56 -18.09 4.82
C LEU F 12 -15.47 -19.21 4.31
N ALA F 13 -15.30 -20.39 4.88
CA ALA F 13 -16.11 -21.52 4.47
C ALA F 13 -17.54 -21.26 4.90
N ILE F 14 -17.72 -20.84 6.15
CA ILE F 14 -19.04 -20.53 6.69
C ILE F 14 -19.75 -19.57 5.76
N VAL F 15 -19.18 -18.38 5.63
CA VAL F 15 -19.72 -17.33 4.76
C VAL F 15 -19.99 -17.92 3.39
N THR F 16 -19.04 -18.71 2.88
CA THR F 16 -19.20 -19.28 1.56
C THR F 16 -20.37 -20.26 1.49
N LEU F 17 -20.44 -21.15 2.49
CA LEU F 17 -21.53 -22.13 2.55
C LEU F 17 -22.88 -21.39 2.68
N ILE F 18 -22.81 -20.20 3.26
CA ILE F 18 -23.95 -19.32 3.45
C ILE F 18 -24.40 -18.89 2.06
N SER F 19 -23.52 -18.15 1.39
CA SER F 19 -23.76 -17.66 0.04
C SER F 19 -24.11 -18.78 -0.93
N VAL F 20 -23.62 -19.99 -0.66
CA VAL F 20 -23.92 -21.11 -1.52
C VAL F 20 -25.38 -21.49 -1.36
N VAL F 21 -25.86 -21.36 -0.13
CA VAL F 21 -27.25 -21.64 0.26
C VAL F 21 -28.21 -20.57 -0.27
N GLN F 22 -27.85 -19.31 -0.06
CA GLN F 22 -28.64 -18.19 -0.55
C GLN F 22 -28.66 -18.25 -2.07
N ASN F 23 -27.61 -18.81 -2.66
CA ASN F 23 -27.53 -18.96 -4.10
C ASN F 23 -28.58 -19.91 -4.63
N GLY F 24 -28.72 -21.06 -3.97
CA GLY F 24 -29.73 -22.03 -4.36
C GLY F 24 -31.14 -21.48 -4.25
N PHE F 25 -31.31 -20.46 -3.42
CA PHE F 25 -32.63 -19.86 -3.27
C PHE F 25 -32.94 -18.97 -4.44
N PHE F 26 -32.01 -18.09 -4.79
CA PHE F 26 -32.20 -17.21 -5.92
C PHE F 26 -32.51 -18.09 -7.13
N ALA F 27 -31.90 -19.28 -7.13
CA ALA F 27 -32.11 -20.26 -8.20
C ALA F 27 -33.43 -21.01 -8.00
N HIS F 28 -34.08 -20.77 -6.87
CA HIS F 28 -35.36 -21.40 -6.59
C HIS F 28 -36.48 -20.46 -7.01
N LYS F 29 -36.31 -19.17 -6.69
CA LYS F 29 -37.27 -18.14 -7.04
C LYS F 29 -37.30 -17.97 -8.57
N VAL F 30 -36.42 -18.71 -9.23
CA VAL F 30 -36.33 -18.72 -10.69
C VAL F 30 -37.15 -19.88 -11.22
N GLU F 31 -37.28 -20.93 -10.41
CA GLU F 31 -38.05 -22.08 -10.83
C GLU F 31 -39.53 -21.76 -10.73
N HIS F 32 -39.90 -21.05 -9.67
CA HIS F 32 -41.29 -20.69 -9.46
C HIS F 32 -41.85 -19.88 -10.63
N GLU F 33 -41.02 -19.01 -11.21
CA GLU F 33 -41.46 -18.17 -12.32
C GLU F 33 -41.44 -18.89 -13.65
N SER F 34 -40.66 -19.96 -13.73
CA SER F 34 -40.58 -20.74 -14.96
C SER F 34 -41.65 -21.81 -14.92
N ARG F 35 -42.25 -21.99 -13.74
CA ARG F 35 -43.31 -22.98 -13.52
C ARG F 35 -44.70 -22.38 -13.75
N THR F 36 -44.95 -21.22 -13.15
CA THR F 36 -46.25 -20.56 -13.29
C THR F 36 -46.50 -20.13 -14.74
N GLN F 37 -45.41 -19.90 -15.48
CA GLN F 37 -45.46 -19.49 -16.87
C GLN F 37 -44.52 -20.38 -17.68
N ASN F 38 -44.76 -21.68 -17.58
CA ASN F 38 -43.91 -22.67 -18.23
C ASN F 38 -43.54 -22.44 -19.69
N GLY F 39 -42.24 -22.54 -19.95
CA GLY F 39 -41.64 -22.34 -21.25
C GLY F 39 -40.33 -21.60 -21.05
N ARG F 40 -39.22 -22.25 -21.37
CA ARG F 40 -37.87 -21.68 -21.21
C ARG F 40 -37.65 -20.35 -21.96
N SER F 41 -38.76 -19.73 -22.36
CA SER F 41 -38.75 -18.45 -23.05
C SER F 41 -37.80 -17.45 -22.38
N PHE F 42 -36.51 -17.70 -22.55
CA PHE F 42 -35.48 -16.84 -22.01
C PHE F 42 -35.18 -15.83 -23.12
N GLN F 43 -34.95 -14.57 -22.76
CA GLN F 43 -34.66 -13.46 -23.70
C GLN F 43 -35.86 -12.60 -24.14
N ARG F 44 -35.85 -11.33 -23.75
CA ARG F 44 -36.91 -10.37 -24.09
C ARG F 44 -38.35 -10.93 -24.13
N THR F 45 -38.54 -12.11 -23.55
CA THR F 45 -39.85 -12.75 -23.51
C THR F 45 -40.06 -13.49 -22.19
N GLY F 46 -41.31 -13.83 -21.93
CA GLY F 46 -41.70 -14.48 -20.70
C GLY F 46 -42.28 -13.37 -19.86
N THR F 47 -42.96 -13.74 -18.79
CA THR F 47 -43.59 -12.76 -17.90
C THR F 47 -42.73 -11.54 -17.62
N LEU F 48 -43.27 -10.66 -16.77
CA LEU F 48 -42.53 -9.52 -16.29
C LEU F 48 -42.09 -9.92 -14.90
N ALA F 49 -42.64 -11.04 -14.41
CA ALA F 49 -42.30 -11.57 -13.10
C ALA F 49 -41.19 -12.61 -13.22
N PHE F 50 -41.24 -13.41 -14.30
CA PHE F 50 -40.23 -14.43 -14.59
C PHE F 50 -39.05 -13.77 -15.29
N GLU F 51 -39.32 -12.70 -16.02
CA GLU F 51 -38.27 -11.96 -16.72
C GLU F 51 -37.58 -11.02 -15.75
N ARG F 52 -38.29 -10.67 -14.68
CA ARG F 52 -37.72 -9.81 -13.66
C ARG F 52 -36.85 -10.62 -12.71
N VAL F 53 -37.18 -11.89 -12.50
CA VAL F 53 -36.40 -12.77 -11.62
C VAL F 53 -35.20 -13.40 -12.30
N TYR F 54 -35.39 -13.98 -13.48
CA TYR F 54 -34.27 -14.57 -14.16
C TYR F 54 -33.21 -13.52 -14.39
N THR F 55 -33.63 -12.27 -14.42
CA THR F 55 -32.67 -11.18 -14.60
C THR F 55 -31.92 -10.89 -13.29
N ALA F 56 -32.66 -10.66 -12.20
CA ALA F 56 -32.05 -10.42 -10.89
C ALA F 56 -31.10 -11.54 -10.55
N ASN F 57 -31.53 -12.76 -10.81
CA ASN F 57 -30.73 -13.95 -10.58
C ASN F 57 -29.45 -13.90 -11.44
N GLN F 58 -29.61 -13.96 -12.75
CA GLN F 58 -28.46 -13.92 -13.66
C GLN F 58 -27.70 -12.58 -13.59
N ASN F 59 -27.81 -11.90 -12.46
CA ASN F 59 -27.14 -10.62 -12.22
C ASN F 59 -26.30 -10.85 -10.98
N CYS F 60 -26.72 -11.84 -10.21
CA CYS F 60 -26.06 -12.26 -8.98
C CYS F 60 -25.07 -13.36 -9.31
N VAL F 61 -25.38 -14.13 -10.33
CA VAL F 61 -24.46 -15.20 -10.69
C VAL F 61 -23.28 -14.76 -11.50
N ASP F 62 -23.28 -13.50 -11.91
CA ASP F 62 -22.14 -12.93 -12.61
C ASP F 62 -21.23 -12.32 -11.55
N ALA F 63 -21.80 -12.04 -10.39
CA ALA F 63 -21.09 -11.45 -9.26
C ALA F 63 -20.46 -12.47 -8.32
N TYR F 64 -21.04 -13.66 -8.22
CA TYR F 64 -20.51 -14.69 -7.34
C TYR F 64 -19.00 -14.89 -7.47
N PRO F 65 -18.55 -15.28 -8.68
CA PRO F 65 -17.12 -15.53 -8.92
C PRO F 65 -16.22 -14.38 -8.49
N THR F 66 -16.37 -13.23 -9.13
CA THR F 66 -15.53 -12.06 -8.85
C THR F 66 -15.65 -11.58 -7.41
N PHE F 67 -16.57 -12.17 -6.66
CA PHE F 67 -16.72 -11.79 -5.27
C PHE F 67 -15.98 -12.81 -4.46
N LEU F 68 -16.23 -14.08 -4.77
CA LEU F 68 -15.58 -15.17 -4.08
C LEU F 68 -14.09 -14.95 -4.18
N ALA F 69 -13.65 -14.41 -5.31
CA ALA F 69 -12.23 -14.14 -5.50
C ALA F 69 -11.72 -13.31 -4.32
N VAL F 70 -12.06 -12.04 -4.31
CA VAL F 70 -11.65 -11.13 -3.25
C VAL F 70 -11.98 -11.65 -1.86
N LEU F 71 -13.01 -12.48 -1.75
CA LEU F 71 -13.40 -12.99 -0.43
C LEU F 71 -12.29 -13.78 0.20
N TRP F 72 -11.62 -14.58 -0.60
CA TRP F 72 -10.57 -15.41 -0.07
C TRP F 72 -9.24 -14.72 -0.15
N SER F 73 -8.97 -14.14 -1.30
CA SER F 73 -7.70 -13.45 -1.49
C SER F 73 -7.50 -12.48 -0.35
N ALA F 74 -8.60 -11.89 0.11
CA ALA F 74 -8.55 -10.96 1.23
C ALA F 74 -8.74 -11.72 2.52
N GLY F 75 -8.90 -13.03 2.40
CA GLY F 75 -9.09 -13.90 3.55
C GLY F 75 -7.81 -14.61 3.97
N LEU F 76 -6.95 -14.89 3.00
CA LEU F 76 -5.67 -15.52 3.27
C LEU F 76 -4.57 -14.47 3.25
N LEU F 77 -4.50 -13.73 2.14
CA LEU F 77 -3.51 -12.68 2.02
C LEU F 77 -3.74 -11.55 3.02
N CYS F 78 -4.64 -11.75 3.99
CA CYS F 78 -4.95 -10.72 4.97
C CYS F 78 -6.17 -11.09 5.82
N SER F 79 -5.99 -11.05 7.15
CA SER F 79 -7.05 -11.36 8.13
C SER F 79 -8.32 -12.10 7.69
N GLN F 80 -8.51 -13.30 8.23
CA GLN F 80 -9.64 -14.15 7.91
C GLN F 80 -10.94 -13.66 8.57
N VAL F 81 -10.81 -12.65 9.42
CA VAL F 81 -11.95 -12.11 10.15
C VAL F 81 -12.69 -11.04 9.35
N PRO F 82 -12.00 -9.92 9.06
CA PRO F 82 -12.65 -8.85 8.32
C PRO F 82 -13.11 -9.36 6.98
N ALA F 83 -12.23 -10.11 6.34
CA ALA F 83 -12.52 -10.69 5.04
C ALA F 83 -13.83 -11.48 5.10
N ALA F 84 -13.98 -12.29 6.14
CA ALA F 84 -15.18 -13.09 6.33
C ALA F 84 -16.41 -12.24 6.69
N PHE F 85 -16.21 -11.14 7.40
CA PHE F 85 -17.33 -10.29 7.75
C PHE F 85 -17.79 -9.55 6.51
N ALA F 86 -16.87 -8.82 5.90
CA ALA F 86 -17.18 -8.05 4.70
C ALA F 86 -17.94 -8.93 3.73
N GLY F 87 -17.48 -10.18 3.61
CA GLY F 87 -18.10 -11.17 2.75
C GLY F 87 -19.50 -11.50 3.23
N LEU F 88 -19.74 -11.27 4.51
CA LEU F 88 -21.05 -11.49 5.13
C LEU F 88 -22.05 -10.42 4.68
N MET F 89 -21.63 -9.16 4.75
CA MET F 89 -22.53 -8.08 4.37
C MET F 89 -22.85 -8.16 2.89
N TYR F 90 -21.88 -8.62 2.10
CA TYR F 90 -22.10 -8.80 0.68
C TYR F 90 -23.27 -9.74 0.47
N LEU F 91 -23.44 -10.68 1.40
CA LEU F 91 -24.54 -11.64 1.34
C LEU F 91 -25.85 -10.93 1.74
N PHE F 92 -25.71 -9.77 2.36
CA PHE F 92 -26.86 -8.97 2.76
C PHE F 92 -27.28 -8.07 1.64
N VAL F 93 -26.31 -7.47 0.97
CA VAL F 93 -26.58 -6.63 -0.17
C VAL F 93 -27.23 -7.50 -1.23
N ARG F 94 -26.66 -8.68 -1.44
CA ARG F 94 -27.16 -9.63 -2.42
C ARG F 94 -28.63 -9.90 -2.19
N GLN F 95 -28.97 -10.04 -0.91
CA GLN F 95 -30.36 -10.28 -0.52
C GLN F 95 -31.23 -9.07 -0.84
N LYS F 96 -30.79 -7.90 -0.40
CA LYS F 96 -31.55 -6.68 -0.61
C LYS F 96 -31.53 -6.15 -2.04
N TYR F 97 -30.64 -6.70 -2.87
CA TYR F 97 -30.58 -6.30 -4.26
C TYR F 97 -31.45 -7.27 -5.04
N PHE F 98 -31.27 -8.55 -4.76
CA PHE F 98 -32.06 -9.57 -5.43
C PHE F 98 -33.51 -9.52 -5.01
N VAL F 99 -33.78 -8.74 -3.96
CA VAL F 99 -35.14 -8.62 -3.46
C VAL F 99 -35.87 -7.45 -4.13
N GLY F 100 -35.25 -6.26 -4.08
CA GLY F 100 -35.80 -5.06 -4.68
C GLY F 100 -35.93 -5.20 -6.18
N TYR F 101 -35.14 -6.12 -6.74
CA TYR F 101 -35.19 -6.34 -8.17
C TYR F 101 -36.31 -7.31 -8.50
N LEU F 102 -37.45 -7.09 -7.86
CA LEU F 102 -38.64 -7.89 -8.06
C LEU F 102 -39.85 -7.13 -7.52
N GLY F 103 -40.03 -5.92 -8.04
CA GLY F 103 -41.10 -5.02 -7.67
C GLY F 103 -41.40 -4.11 -8.83
N GLU F 104 -41.68 -2.84 -8.56
CA GLU F 104 -41.97 -1.89 -9.63
C GLU F 104 -40.89 -0.82 -9.81
N ARG F 105 -39.63 -1.22 -9.61
CA ARG F 105 -38.48 -0.32 -9.74
C ARG F 105 -38.79 1.07 -9.21
N THR F 106 -39.49 1.10 -8.08
CA THR F 106 -39.89 2.35 -7.44
C THR F 106 -38.72 2.96 -6.67
N GLN F 107 -38.79 4.28 -6.47
CA GLN F 107 -37.71 5.00 -5.80
C GLN F 107 -36.43 4.76 -6.60
N SER F 108 -36.54 5.02 -7.90
CA SER F 108 -35.46 4.89 -8.89
C SER F 108 -35.45 3.64 -9.79
N THR F 109 -34.44 2.78 -9.64
CA THR F 109 -34.31 1.58 -10.48
C THR F 109 -33.18 0.66 -9.99
N PRO F 110 -33.33 -0.67 -10.16
CA PRO F 110 -32.24 -1.55 -9.73
C PRO F 110 -31.08 -1.50 -10.74
N GLY F 111 -29.85 -1.52 -10.24
CA GLY F 111 -28.68 -1.43 -11.10
C GLY F 111 -27.87 -2.71 -11.23
N TYR F 112 -27.24 -2.88 -12.40
CA TYR F 112 -26.40 -4.05 -12.68
C TYR F 112 -25.35 -4.23 -11.57
N ILE F 113 -24.96 -3.12 -10.95
CA ILE F 113 -23.97 -3.11 -9.88
C ILE F 113 -24.19 -4.17 -8.81
N PHE F 114 -23.53 -3.96 -7.69
CA PHE F 114 -23.61 -4.88 -6.57
C PHE F 114 -22.52 -4.62 -5.54
N GLY F 115 -22.86 -3.89 -4.47
CA GLY F 115 -21.94 -3.57 -3.38
C GLY F 115 -20.49 -3.33 -3.76
N LYS F 116 -20.27 -2.52 -4.80
CA LYS F 116 -18.91 -2.23 -5.27
C LYS F 116 -18.01 -1.93 -4.11
N ARG F 117 -18.57 -1.29 -3.09
CA ARG F 117 -17.82 -0.95 -1.90
C ARG F 117 -17.22 -2.20 -1.26
N ILE F 118 -18.03 -3.21 -1.03
CA ILE F 118 -17.53 -4.43 -0.41
C ILE F 118 -16.37 -5.07 -1.16
N ILE F 119 -16.61 -5.55 -2.38
CA ILE F 119 -15.53 -6.18 -3.14
C ILE F 119 -14.37 -5.24 -3.28
N LEU F 120 -14.67 -3.94 -3.38
CA LEU F 120 -13.61 -2.95 -3.48
C LEU F 120 -12.74 -3.13 -2.25
N PHE F 121 -13.38 -3.09 -1.08
CA PHE F 121 -12.68 -3.23 0.18
C PHE F 121 -11.94 -4.56 0.30
N LEU F 122 -12.64 -5.65 0.06
CA LEU F 122 -12.03 -6.96 0.14
C LEU F 122 -10.81 -7.01 -0.78
N PHE F 123 -10.94 -6.40 -1.95
CA PHE F 123 -9.84 -6.37 -2.91
C PHE F 123 -8.67 -5.58 -2.36
N LEU F 124 -8.95 -4.72 -1.37
CA LEU F 124 -7.90 -3.91 -0.77
C LEU F 124 -7.15 -4.64 0.34
N MET F 125 -7.79 -5.67 0.90
CA MET F 125 -7.12 -6.49 1.91
C MET F 125 -6.21 -7.43 1.14
N SER F 126 -6.70 -7.87 -0.01
CA SER F 126 -5.96 -8.75 -0.91
C SER F 126 -4.72 -8.04 -1.42
N VAL F 127 -4.91 -6.80 -1.89
CA VAL F 127 -3.79 -6.01 -2.41
C VAL F 127 -2.94 -5.54 -1.26
N ALA F 128 -3.48 -5.65 -0.06
CA ALA F 128 -2.75 -5.25 1.13
C ALA F 128 -1.66 -6.26 1.39
N GLY F 129 -2.05 -7.44 1.89
CA GLY F 129 -1.11 -8.51 2.18
C GLY F 129 -0.22 -8.86 1.01
N ILE F 130 -0.78 -8.82 -0.19
CA ILE F 130 -0.02 -9.13 -1.40
C ILE F 130 1.23 -8.28 -1.45
N PHE F 131 1.09 -7.01 -1.05
CA PHE F 131 2.22 -6.11 -1.05
C PHE F 131 3.03 -6.30 0.22
N ASN F 132 2.37 -6.16 1.37
CA ASN F 132 3.04 -6.29 2.66
C ASN F 132 3.92 -7.54 2.70
N TYR F 133 3.55 -8.54 1.90
CA TYR F 133 4.33 -9.78 1.82
C TYR F 133 5.67 -9.51 1.16
N TYR F 134 5.63 -8.74 0.07
CA TYR F 134 6.85 -8.37 -0.64
C TYR F 134 7.83 -7.70 0.29
N LEU F 135 7.32 -7.08 1.34
CA LEU F 135 8.17 -6.41 2.31
C LEU F 135 8.82 -7.47 3.18
N ILE F 136 7.99 -8.31 3.79
CA ILE F 136 8.49 -9.39 4.65
C ILE F 136 9.54 -10.18 3.91
N PHE F 137 9.41 -10.25 2.61
CA PHE F 137 10.34 -11.02 1.81
C PHE F 137 11.55 -10.20 1.40
N PHE F 138 11.31 -9.01 0.88
CA PHE F 138 12.38 -8.13 0.41
C PHE F 138 13.24 -7.51 1.49
N PHE F 139 12.67 -7.32 2.66
CA PHE F 139 13.43 -6.75 3.75
C PHE F 139 13.58 -7.81 4.85
N GLY F 140 14.06 -8.96 4.42
CA GLY F 140 14.36 -10.09 5.26
C GLY F 140 15.88 -10.15 5.35
N SER F 141 16.53 -9.16 4.75
CA SER F 141 17.99 -9.03 4.76
C SER F 141 18.48 -8.77 6.17
N ASP F 142 17.58 -8.95 7.13
CA ASP F 142 17.88 -8.74 8.54
C ASP F 142 18.80 -9.82 9.11
N PHE F 143 19.82 -10.20 8.34
CA PHE F 143 20.77 -11.19 8.81
C PHE F 143 21.47 -10.69 10.08
N GLU F 144 21.50 -9.36 10.24
CA GLU F 144 22.15 -8.70 11.37
C GLU F 144 23.51 -9.34 11.72
N ASN F 145 24.59 -8.63 11.40
CA ASN F 145 25.93 -9.13 11.70
C ASN F 145 26.11 -9.51 13.16
N TYR F 146 26.43 -10.78 13.38
CA TYR F 146 26.66 -11.28 14.72
C TYR F 146 28.14 -11.02 15.07
N ILE F 147 28.40 -10.52 16.28
CA ILE F 147 29.77 -10.32 16.73
C ILE F 147 29.97 -11.27 17.89
N ALA F 148 28.93 -12.09 18.12
CA ALA F 148 28.93 -13.10 19.16
C ALA F 148 29.52 -12.63 20.48
N THR F 149 30.05 -13.58 21.25
CA THR F 149 30.65 -13.28 22.55
C THR F 149 31.63 -14.38 22.99
C1 2CS G . 12.81 40.29 7.55
C2 2CS G . 12.73 38.96 6.79
C3 2CS G . 11.58 38.81 5.93
O4 2CS G . 10.90 39.73 5.51
O5 2CS G . 11.23 37.72 5.48
C7 2CS G . 12.79 37.77 7.80
C8 2CS G . 13.10 36.47 7.20
C10 2CS G . 15.54 36.78 6.83
C11 2CS G . 15.69 37.46 8.09
C12 2CS G . 15.59 38.87 8.06
C13 2CS G . 15.67 39.56 9.27
C14 2CS G . 15.85 36.67 9.25
C15 2CS G . 15.96 37.34 10.47
C16 2CS G . 15.87 38.75 10.42
C19 2CS G . 15.18 33.99 5.65
C20 2CS G . 14.80 32.75 5.16
C21 2CS G . 12.84 34.47 6.31
C22 2CS G . 12.42 33.22 5.81
C27 2CS G . 15.21 29.22 3.98
C30 2CS G . 16.88 29.41 6.23
C31 2CS G . 17.70 29.51 7.38
C32 2CS G . 19.04 29.07 7.25
C33 2CS G . 19.55 28.54 6.02
C34 2CS G . 18.72 28.45 4.88
C28 2CS G . 16.53 28.79 3.85
C29 2CS G . 17.37 28.88 4.99
N35 2CS G . 15.62 29.82 6.30
C26 2CS G . 14.81 29.72 5.24
C25 2CS G . 13.45 30.13 5.35
O24 2CS G . 13.12 31.30 4.80
C23 2CS G . 13.44 32.40 5.25
C18 2CS G . 14.18 34.83 6.22
C36 2CS G . 12.16 35.50 6.95
S37 2CS G . 10.47 35.52 7.38
C38 2CS G . 10.47 34.40 8.84
C41 2CS G . 11.83 33.87 9.36
C39 2CS G . 10.03 35.29 9.97
C40 2CS G . 9.49 33.21 8.78
C6 2CS G . 13.85 38.97 5.72
N9 2CS G . 14.30 36.05 6.75
CL17 2CS G . 16.00 39.59 11.86
C1 2CS H . 32.13 16.60 25.02
C2 2CS H . 31.62 15.18 25.05
C3 2CS H . 32.48 14.24 24.34
O4 2CS H . 33.63 14.52 24.04
O5 2CS H . 32.11 13.15 23.89
C7 2CS H . 30.27 15.14 24.33
C8 2CS H . 29.93 16.15 23.33
C10 2CS H . 31.99 16.16 21.98
C11 2CS H . 31.93 14.82 21.48
C12 2CS H . 33.17 14.21 21.29
C13 2CS H . 33.16 12.89 20.82
C14 2CS H . 30.67 14.23 21.25
C15 2CS H . 30.65 12.91 20.80
C16 2CS H . 31.90 12.28 20.58
C19 2CS H . 30.44 18.20 20.50
C20 2CS H . 29.56 19.13 19.97
C21 2CS H . 28.74 17.67 22.27
C22 2CS H . 27.83 18.62 21.73
C27 2CS H . 27.21 21.38 17.11
C30 2CS H . 27.41 18.98 15.57
C31 2CS H . 27.49 17.76 14.84
C32 2CS H . 27.81 17.89 13.47
C33 2CS H . 28.02 19.17 12.84
C34 2CS H . 27.93 20.39 13.56
C28 2CS H . 27.51 21.48 15.73
C29 2CS H . 27.62 20.28 14.96
N35 2CS H . 27.12 18.93 16.90
C26 2CS H . 27.01 20.08 17.65
C25 2CS H . 26.66 20.00 19.06
O24 2CS H . 27.62 20.21 19.98
C23 2CS H . 28.30 19.33 20.55
C18 2CS H . 30.00 17.49 21.65
C36 2CS H . 28.72 16.76 23.36
S37 2CS H . 27.59 16.25 24.59
C38 2CS H . 27.30 14.43 24.23
C41 2CS H . 27.93 13.87 22.94
C39 2CS H . 27.92 13.60 25.35
C40 2CS H . 25.84 13.99 24.25
C6 2CS H . 31.52 14.96 26.56
N9 2CS H . 30.68 16.58 22.31
CL17 2CS H . 31.95 10.70 20.01
C1 2CS I . 14.53 3.64 -6.00
C2 2CS I . 15.46 4.84 -5.70
C3 2CS I . 16.81 4.31 -5.43
O4 2CS I . 17.16 3.88 -4.31
O5 2CS I . 17.72 4.19 -6.28
C7 2CS I . 14.83 5.70 -4.54
C8 2CS I . 15.67 6.29 -3.49
C10 2CS I . 17.31 7.21 -4.94
C11 2CS I . 16.52 8.32 -5.35
C12 2CS I . 15.87 9.13 -4.40
C13 2CS I . 15.10 10.19 -4.85
C14 2CS I . 16.49 8.47 -6.71
C15 2CS I . 15.73 9.51 -7.18
C16 2CS I . 15.09 10.32 -6.26
C19 2CS I . 18.57 8.14 -2.40
C20 2CS I . 18.96 8.45 -1.09
C21 2CS I . 16.53 6.93 -1.53
C22 2CS I . 16.93 7.26 -0.20
C27 2CS I . 21.22 10.50 2.25
C30 2CS I . 19.59 12.46 1.05
C31 2CS I . 18.76 13.45 0.44
C32 2CS I . 19.18 14.81 0.49
C33 2CS I . 20.40 15.17 1.15
C34 2CS I . 21.23 14.20 1.77
C28 2CS I . 21.62 11.86 2.29
C29 2CS I . 20.82 12.85 1.70
N35 2CS I . 19.23 11.14 1.02
C26 2CS I . 20.02 10.17 1.60
C25 2CS I . 19.71 8.73 1.58
O24 2CS I . 18.50 8.34 1.15
C23 2CS I . 18.15 8.03 -0.02
C18 2CS I . 17.38 7.37 -2.56
C36 2CS I . 15.43 6.23 -2.13
S37 2CS I . 13.99 5.45 -1.46
C38 2CS I . 12.95 7.00 -1.23
C41 2CS I . 11.51 6.81 -1.69
C39 2CS I . 12.89 7.39 0.26
C40 2CS I . 13.42 8.29 -1.92
C6 2CS I . 15.49 5.65 -7.01
N9 2CS I . 16.80 6.96 -3.69
CL17 2CS I . 14.24 11.52 -7.02
C1 2CS J . -16.15 1.39 -8.06
C2 2CS J . -14.83 1.44 -8.85
C3 2CS J . -14.94 2.28 -10.03
O4 2CS J . -15.91 3.00 -10.28
O5 2CS J . -14.10 2.31 -10.92
C7 2CS J . -14.45 0.01 -9.31
C8 2CS J . -15.42 -1.12 -9.31
C10 2CS J . -16.78 -0.69 -11.34
C11 2CS J . -15.57 -0.63 -12.12
C12 2CS J . -15.21 0.56 -12.79
C13 2CS J . -14.00 0.54 -13.50
C14 2CS J . -14.82 -1.83 -12.10
C15 2CS J . -13.63 -1.86 -12.79
C16 2CS J . -13.26 -0.67 -13.48
C19 2CS J . -18.09 -3.28 -10.42
C20 2CS J . -18.53 -4.47 -9.80
C21 2CS J . -16.37 -3.01 -8.64
C22 2CS J . -16.82 -4.19 -8.03
C27 2CS J . -20.77 -7.96 -9.88
C30 2CS J . -18.81 -7.84 -11.91
C31 2CS J . -17.82 -7.80 -12.95
C32 2CS J . -18.19 -8.39 -14.20
C33 2CS J . -19.48 -8.98 -14.44
C34 2CS J . -20.47 -9.04 -13.41
C28 2CS J . -21.08 -8.51 -11.13
C29 2CS J . -20.12 -8.46 -12.15
N35 2CS J . -18.54 -7.31 -10.68
C26 2CS J . -19.48 -7.36 -9.69
C25 2CS J . -19.30 -6.81 -8.34
O24 2CS J . -18.27 -5.99 -8.07
C23 2CS J . -17.90 -4.91 -8.63
C18 2CS J . -17.01 -2.58 -9.81
C36 2CS J . -15.33 -2.07 -8.34
S37 2CS J . -14.09 -1.98 -7.09
C38 2CS J . -12.54 -2.21 -7.99
C41 2CS J . -12.67 -2.57 -9.47
C39 2CS J . -11.89 -0.84 -8.00
C40 2CS J . -11.58 -3.20 -7.31
C6 2CS J . -13.84 2.05 -7.84
N9 2CS J . -16.42 -1.44 -10.18
CL17 2CS J . -11.82 -0.71 -14.33
C1 2CS K . -9.46 -29.74 -28.58
C2 2CS K . -10.68 -28.91 -28.19
C3 2CS K . -10.35 -27.53 -28.33
O4 2CS K . -10.90 -26.75 -29.10
O5 2CS K . -9.44 -27.03 -27.69
C7 2CS K . -10.99 -29.13 -26.70
C8 2CS K . -11.42 -27.92 -26.01
C10 2CS K . -13.48 -27.49 -27.32
C11 2CS K . -14.17 -28.62 -26.77
C12 2CS K . -14.18 -28.74 -25.36
C13 2CS K . -14.83 -29.83 -24.78
C14 2CS K . -14.76 -29.54 -27.65
C15 2CS K . -15.42 -30.64 -27.09
C16 2CS K . -15.43 -30.74 -25.68
C19 2CS K . -13.70 -25.23 -25.56
C20 2CS K . -13.62 -24.20 -24.61
C21 2CS K . -11.57 -26.22 -24.64
C22 2CS K . -11.50 -25.18 -23.66
C27 2CS K . -14.19 -20.94 -22.50
C30 2CS K . -16.55 -22.12 -21.42
C31 2CS K . -17.68 -22.80 -20.86
C32 2CS K . -18.88 -22.06 -20.86
C33 2CS K . -18.90 -20.73 -21.39
C34 2CS K . -17.75 -20.04 -21.94
C28 2CS K . -15.36 -20.16 -22.51
C29 2CS K . -16.54 -20.76 -21.96
N35 2CS K . -15.42 -22.78 -21.43
C26 2CS K . -14.31 -22.24 -21.94
C25 2CS K . -13.16 -23.10 -21.84
O24 2CS K . -12.47 -23.21 -22.94
C23 2CS K . -12.54 -24.17 -23.71
C18 2CS K . -12.65 -26.19 -25.54
C36 2CS K . -10.76 -27.34 -24.96
S37 2CS K . -9.27 -27.90 -24.22
C38 2CS K . -9.56 -27.96 -22.39
C41 2CS K . -8.53 -28.82 -21.72
C39 2CS K . -9.20 -26.60 -21.78
C40 2CS K . -10.93 -28.38 -21.81
C6 2CS K . -11.87 -29.24 -29.11
N9 2CS K . -12.52 -27.22 -26.33
CL17 2CS K . -16.21 -32.08 -25.10
C1 2CS L . -32.67 -29.01 -0.30
C2 2CS L . -32.85 -27.49 -0.06
C3 2CS L . -34.12 -27.02 -0.59
O4 2CS L . -34.63 -27.39 -1.65
O5 2CS L . -34.82 -26.19 -0.01
C7 2CS L . -31.62 -26.83 -0.69
C8 2CS L . -31.27 -26.71 -2.12
C10 2CS L . -33.19 -25.36 -2.93
C11 2CS L . -33.21 -24.14 -2.15
C12 2CS L . -32.06 -23.31 -2.00
C13 2CS L . -32.18 -22.12 -1.21
C14 2CS L . -34.47 -23.87 -1.56
C15 2CS L . -34.59 -22.71 -0.77
C16 2CS L . -33.47 -21.85 -0.61
C19 2CS L . -31.62 -25.61 -5.50
C20 2CS L . -30.70 -25.88 -6.55
C21 2CS L . -30.12 -26.93 -3.98
C22 2CS L . -29.19 -27.20 -5.02
C27 2CS L . -27.71 -24.98 -9.78
C30 2CS L . -27.90 -22.64 -8.20
C31 2CS L . -27.99 -21.50 -7.36
C32 2CS L . -28.09 -20.27 -8.05
C33 2CS L . -28.14 -20.19 -9.49
C34 2CS L . -28.04 -21.34 -10.33
C28 2CS L . -27.83 -23.75 -10.45
C29 2CS L . -27.92 -22.59 -9.66
N35 2CS L . -27.79 -23.84 -7.61
C26 2CS L . -27.70 -24.97 -8.36
C25 2CS L . -27.58 -26.26 -7.68
O24 2CS L . -28.73 -26.88 -7.34
C23 2CS L . -29.51 -26.66 -6.33
C18 2CS L . -31.27 -26.16 -4.22
C36 2CS L . -30.12 -27.28 -2.64
S37 2CS L . -28.94 -28.20 -1.75
C38 2CS L . -28.46 -27.14 -0.32
C41 2CS L . -29.21 -27.39 0.99
C39 2CS L . -27.00 -27.52 -0.01
C40 2CS L . -28.51 -25.61 -0.54
C6 2CS L . -32.89 -27.22 1.46
N9 2CS L . -31.95 -26.05 -3.07
CL17 2CS L . -33.70 -20.46 0.34
#